data_2EM1
#
_entry.id   2EM1
#
loop_
_entity.id
_entity.type
_entity.pdbx_description
1 polymer 'Zinc finger protein 268'
2 non-polymer 'ZINC ION'
#
_entity_poly.entity_id   1
_entity_poly.type   'polypeptide(L)'
_entity_poly.pdbx_seq_one_letter_code
;GSSGSSGEKPYSCNECGKAFTFKSQLIVHKGVHTGVKPSGPSSG
;
_entity_poly.pdbx_strand_id   A
#
# COMPACT_ATOMS: atom_id res chain seq x y z
N GLY A 1 -10.64 -1.23 18.56
CA GLY A 1 -9.46 -1.06 17.73
C GLY A 1 -8.68 -2.34 17.55
N SER A 2 -9.35 -3.34 16.97
CA SER A 2 -8.71 -4.64 16.74
C SER A 2 -8.12 -4.72 15.34
N SER A 3 -6.84 -4.42 15.23
CA SER A 3 -6.15 -4.44 13.94
C SER A 3 -4.69 -4.86 14.11
N GLY A 4 -4.26 -5.83 13.32
CA GLY A 4 -2.89 -6.30 13.41
C GLY A 4 -2.71 -7.69 12.84
N SER A 5 -3.45 -8.66 13.40
CA SER A 5 -3.37 -10.04 12.94
C SER A 5 -3.54 -10.13 11.43
N SER A 6 -2.56 -10.76 10.77
CA SER A 6 -2.59 -10.90 9.32
C SER A 6 -2.06 -12.27 8.91
N GLY A 7 -2.83 -12.98 8.10
CA GLY A 7 -2.41 -14.30 7.64
C GLY A 7 -1.38 -14.23 6.54
N GLU A 8 -1.84 -14.28 5.30
CA GLU A 8 -0.95 -14.23 4.15
C GLU A 8 -1.55 -13.39 3.02
N LYS A 9 -0.75 -12.47 2.48
CA LYS A 9 -1.20 -11.61 1.41
C LYS A 9 -0.10 -11.38 0.38
N PRO A 10 -0.31 -11.89 -0.84
CA PRO A 10 0.65 -11.76 -1.94
C PRO A 10 0.77 -10.32 -2.44
N TYR A 11 0.07 -9.41 -1.77
CA TYR A 11 0.11 -8.00 -2.15
C TYR A 11 0.36 -7.12 -0.94
N SER A 12 1.54 -6.51 -0.90
CA SER A 12 1.90 -5.63 0.22
C SER A 12 2.53 -4.34 -0.29
N CYS A 13 2.28 -3.25 0.42
CA CYS A 13 2.82 -1.95 0.05
C CYS A 13 4.29 -1.83 0.45
N ASN A 14 5.01 -0.91 -0.20
CA ASN A 14 6.42 -0.70 0.09
C ASN A 14 6.67 0.73 0.53
N GLU A 15 5.93 1.67 -0.04
CA GLU A 15 6.07 3.08 0.30
C GLU A 15 5.87 3.30 1.79
N CYS A 16 4.64 3.10 2.26
CA CYS A 16 4.32 3.28 3.67
C CYS A 16 4.32 1.94 4.40
N GLY A 17 3.87 0.89 3.71
CA GLY A 17 3.83 -0.43 4.31
C GLY A 17 2.42 -0.89 4.60
N LYS A 18 2.01 -1.99 3.98
CA LYS A 18 0.68 -2.53 4.17
C LYS A 18 0.51 -3.87 3.46
N ALA A 19 -0.62 -4.54 3.70
CA ALA A 19 -0.88 -5.83 3.07
C ALA A 19 -2.26 -5.84 2.42
N PHE A 20 -2.45 -6.74 1.47
CA PHE A 20 -3.73 -6.86 0.77
C PHE A 20 -3.87 -8.23 0.13
N THR A 21 -5.08 -8.78 0.18
CA THR A 21 -5.35 -10.09 -0.40
C THR A 21 -5.41 -10.02 -1.92
N PHE A 22 -6.02 -8.95 -2.43
CA PHE A 22 -6.15 -8.77 -3.88
C PHE A 22 -5.35 -7.56 -4.34
N LYS A 23 -4.94 -7.57 -5.61
CA LYS A 23 -4.17 -6.48 -6.18
C LYS A 23 -4.95 -5.17 -6.09
N SER A 24 -6.13 -5.14 -6.70
CA SER A 24 -6.96 -3.95 -6.69
C SER A 24 -6.92 -3.26 -5.33
N GLN A 25 -7.23 -4.01 -4.28
CA GLN A 25 -7.22 -3.47 -2.93
C GLN A 25 -5.93 -2.71 -2.65
N LEU A 26 -4.83 -3.22 -3.19
CA LEU A 26 -3.52 -2.59 -3.00
C LEU A 26 -3.39 -1.35 -3.88
N ILE A 27 -3.94 -1.42 -5.08
CA ILE A 27 -3.88 -0.30 -6.01
C ILE A 27 -4.55 0.94 -5.43
N VAL A 28 -5.66 0.74 -4.73
CA VAL A 28 -6.39 1.83 -4.12
C VAL A 28 -5.59 2.46 -3.00
N HIS A 29 -5.01 1.63 -2.14
CA HIS A 29 -4.21 2.10 -1.02
C HIS A 29 -2.93 2.77 -1.50
N LYS A 30 -2.47 2.36 -2.69
CA LYS A 30 -1.26 2.92 -3.26
C LYS A 30 -1.51 4.31 -3.84
N GLY A 31 -2.74 4.54 -4.29
CA GLY A 31 -3.10 5.83 -4.85
C GLY A 31 -2.77 6.98 -3.93
N VAL A 32 -2.76 6.72 -2.63
CA VAL A 32 -2.46 7.73 -1.63
C VAL A 32 -1.03 8.25 -1.79
N HIS A 33 -0.15 7.38 -2.29
CA HIS A 33 1.24 7.75 -2.49
C HIS A 33 1.46 8.30 -3.90
N THR A 34 1.22 7.46 -4.90
CA THR A 34 1.40 7.88 -6.28
C THR A 34 0.45 9.01 -6.64
N GLY A 35 1.00 10.11 -7.17
CA GLY A 35 0.18 11.24 -7.54
C GLY A 35 -0.74 11.69 -6.43
N VAL A 36 -0.24 12.53 -5.54
CA VAL A 36 -1.03 13.04 -4.43
C VAL A 36 -1.88 14.23 -4.85
N LYS A 37 -2.09 14.36 -6.16
CA LYS A 37 -2.89 15.46 -6.70
C LYS A 37 -3.61 15.04 -7.97
N PRO A 38 -4.84 15.53 -8.16
CA PRO A 38 -5.65 15.21 -9.34
C PRO A 38 -5.10 15.86 -10.61
N SER A 39 -4.00 16.59 -10.47
CA SER A 39 -3.37 17.26 -11.60
C SER A 39 -2.58 16.26 -12.44
N GLY A 40 -3.26 15.21 -12.89
CA GLY A 40 -2.60 14.20 -13.70
C GLY A 40 -1.23 13.81 -13.16
N PRO A 41 -0.38 13.26 -14.04
CA PRO A 41 0.97 12.84 -13.67
C PRO A 41 1.88 14.03 -13.38
N SER A 42 2.20 14.23 -12.10
CA SER A 42 3.06 15.34 -11.69
C SER A 42 4.20 15.53 -12.69
N SER A 43 4.94 14.46 -12.97
CA SER A 43 6.06 14.51 -13.89
C SER A 43 5.80 13.59 -15.09
N GLY A 44 6.64 13.74 -16.12
CA GLY A 44 6.50 12.93 -17.31
C GLY A 44 6.71 13.71 -18.59
N GLY A 1 5.64 -23.37 21.69
CA GLY A 1 4.18 -23.27 21.68
C GLY A 1 3.64 -22.74 20.37
N SER A 2 2.38 -22.30 20.39
CA SER A 2 1.75 -21.77 19.20
C SER A 2 2.63 -20.70 18.54
N SER A 3 2.95 -20.91 17.26
CA SER A 3 3.79 -19.97 16.53
C SER A 3 3.52 -20.07 15.02
N GLY A 4 3.67 -18.95 14.33
CA GLY A 4 3.44 -18.93 12.89
C GLY A 4 2.04 -18.48 12.54
N SER A 5 1.66 -18.68 11.28
CA SER A 5 0.33 -18.28 10.82
C SER A 5 -0.05 -19.05 9.56
N SER A 6 -1.33 -18.97 9.19
CA SER A 6 -1.83 -19.66 8.01
C SER A 6 -2.54 -18.70 7.08
N GLY A 7 -1.79 -18.06 6.18
CA GLY A 7 -2.37 -17.12 5.25
C GLY A 7 -1.48 -15.91 5.01
N GLU A 8 -1.05 -15.73 3.77
CA GLU A 8 -0.20 -14.60 3.42
C GLU A 8 -0.79 -13.81 2.27
N LYS A 9 -0.53 -12.50 2.26
CA LYS A 9 -1.05 -11.62 1.22
C LYS A 9 0.02 -11.37 0.15
N PRO A 10 -0.26 -11.83 -1.07
CA PRO A 10 0.67 -11.67 -2.20
C PRO A 10 0.76 -10.22 -2.67
N TYR A 11 0.09 -9.33 -1.94
CA TYR A 11 0.09 -7.91 -2.29
C TYR A 11 0.35 -7.06 -1.06
N SER A 12 1.53 -6.44 -1.00
CA SER A 12 1.89 -5.60 0.12
C SER A 12 2.51 -4.29 -0.36
N CYS A 13 2.25 -3.21 0.38
CA CYS A 13 2.78 -1.90 0.03
C CYS A 13 4.23 -1.75 0.48
N ASN A 14 4.98 -0.89 -0.20
CA ASN A 14 6.38 -0.67 0.13
C ASN A 14 6.60 0.77 0.61
N GLU A 15 5.88 1.71 0.00
CA GLU A 15 5.99 3.12 0.36
C GLU A 15 5.81 3.31 1.87
N CYS A 16 4.59 3.09 2.34
CA CYS A 16 4.28 3.23 3.77
C CYS A 16 4.32 1.89 4.47
N GLY A 17 3.89 0.84 3.78
CA GLY A 17 3.89 -0.49 4.35
C GLY A 17 2.49 -0.99 4.68
N LYS A 18 2.09 -2.06 4.02
CA LYS A 18 0.76 -2.64 4.23
C LYS A 18 0.60 -3.94 3.47
N ALA A 19 -0.49 -4.64 3.72
CA ALA A 19 -0.77 -5.91 3.05
C ALA A 19 -2.16 -5.91 2.43
N PHE A 20 -2.38 -6.77 1.44
CA PHE A 20 -3.66 -6.87 0.78
C PHE A 20 -3.83 -8.24 0.12
N THR A 21 -5.04 -8.79 0.22
CA THR A 21 -5.33 -10.10 -0.37
C THR A 21 -5.47 -10.00 -1.88
N PHE A 22 -6.11 -8.94 -2.35
CA PHE A 22 -6.32 -8.72 -3.78
C PHE A 22 -5.49 -7.55 -4.28
N LYS A 23 -5.13 -7.59 -5.55
CA LYS A 23 -4.34 -6.53 -6.16
C LYS A 23 -5.06 -5.19 -6.07
N SER A 24 -6.23 -5.11 -6.67
CA SER A 24 -7.02 -3.89 -6.65
C SER A 24 -6.89 -3.17 -5.31
N GLN A 25 -7.18 -3.89 -4.23
CA GLN A 25 -7.10 -3.32 -2.89
C GLN A 25 -5.77 -2.60 -2.69
N LEU A 26 -4.70 -3.18 -3.21
CA LEU A 26 -3.36 -2.60 -3.09
C LEU A 26 -3.22 -1.38 -4.00
N ILE A 27 -3.93 -1.41 -5.12
CA ILE A 27 -3.89 -0.31 -6.08
C ILE A 27 -4.58 0.93 -5.53
N VAL A 28 -5.66 0.71 -4.78
CA VAL A 28 -6.40 1.82 -4.18
C VAL A 28 -5.63 2.46 -3.04
N HIS A 29 -4.99 1.62 -2.22
CA HIS A 29 -4.22 2.10 -1.08
C HIS A 29 -2.92 2.76 -1.55
N LYS A 30 -2.41 2.32 -2.70
CA LYS A 30 -1.18 2.88 -3.25
C LYS A 30 -1.43 4.26 -3.84
N GLY A 31 -2.63 4.47 -4.36
CA GLY A 31 -2.98 5.76 -4.96
C GLY A 31 -2.69 6.91 -4.02
N VAL A 32 -2.81 6.66 -2.72
CA VAL A 32 -2.56 7.69 -1.72
C VAL A 32 -1.17 8.29 -1.86
N HIS A 33 -0.22 7.45 -2.26
CA HIS A 33 1.16 7.89 -2.44
C HIS A 33 1.38 8.43 -3.84
N THR A 34 1.19 7.58 -4.85
CA THR A 34 1.36 7.98 -6.23
C THR A 34 0.24 8.91 -6.69
N GLY A 35 0.55 10.19 -6.84
CA GLY A 35 -0.45 11.14 -7.28
C GLY A 35 -0.55 11.23 -8.79
N VAL A 36 -1.14 12.32 -9.28
CA VAL A 36 -1.31 12.52 -10.71
C VAL A 36 0.03 12.38 -11.44
N LYS A 37 -0.04 11.86 -12.66
CA LYS A 37 1.16 11.67 -13.47
C LYS A 37 0.88 12.00 -14.94
N PRO A 38 1.86 12.67 -15.58
CA PRO A 38 1.75 13.06 -16.99
C PRO A 38 1.81 11.85 -17.94
N SER A 39 1.37 12.06 -19.17
CA SER A 39 1.37 11.00 -20.16
C SER A 39 2.72 10.89 -20.85
N GLY A 40 3.13 9.66 -21.16
CA GLY A 40 4.42 9.45 -21.81
C GLY A 40 4.35 8.37 -22.88
N PRO A 41 5.51 7.80 -23.22
CA PRO A 41 5.61 6.75 -24.24
C PRO A 41 4.97 5.44 -23.77
N SER A 42 3.66 5.34 -23.88
CA SER A 42 2.93 4.15 -23.47
C SER A 42 3.50 3.60 -22.16
N SER A 43 3.84 4.49 -21.25
CA SER A 43 4.39 4.10 -19.95
C SER A 43 3.29 3.98 -18.90
N GLY A 44 2.60 2.84 -18.92
CA GLY A 44 1.53 2.62 -17.95
C GLY A 44 1.13 1.16 -17.87
N GLY A 1 5.04 -7.54 23.09
CA GLY A 1 4.20 -8.08 22.05
C GLY A 1 4.33 -7.32 20.75
N SER A 2 3.47 -7.65 19.79
CA SER A 2 3.50 -6.99 18.48
C SER A 2 2.20 -7.24 17.72
N SER A 3 2.01 -6.51 16.62
CA SER A 3 0.81 -6.67 15.80
C SER A 3 0.57 -8.13 15.47
N GLY A 4 -0.65 -8.42 15.00
CA GLY A 4 -0.99 -9.79 14.65
C GLY A 4 -0.92 -10.03 13.15
N SER A 5 -1.15 -11.28 12.74
CA SER A 5 -1.10 -11.63 11.33
C SER A 5 -2.12 -12.73 11.02
N SER A 6 -3.11 -12.38 10.20
CA SER A 6 -4.16 -13.33 9.82
C SER A 6 -4.04 -13.71 8.34
N GLY A 7 -3.36 -14.82 8.08
CA GLY A 7 -3.19 -15.28 6.71
C GLY A 7 -2.10 -14.51 5.98
N GLU A 8 -1.63 -15.07 4.87
CA GLU A 8 -0.58 -14.44 4.08
C GLU A 8 -1.17 -13.68 2.89
N LYS A 9 -0.71 -12.45 2.70
CA LYS A 9 -1.19 -11.62 1.61
C LYS A 9 -0.11 -11.43 0.55
N PRO A 10 -0.36 -11.94 -0.65
CA PRO A 10 0.59 -11.84 -1.77
C PRO A 10 0.71 -10.42 -2.30
N TYR A 11 0.03 -9.49 -1.64
CA TYR A 11 0.05 -8.09 -2.05
C TYR A 11 0.31 -7.18 -0.85
N SER A 12 1.49 -6.57 -0.82
CA SER A 12 1.86 -5.68 0.28
C SER A 12 2.46 -4.39 -0.26
N CYS A 13 2.20 -3.28 0.43
CA CYS A 13 2.71 -1.98 0.03
C CYS A 13 4.19 -1.83 0.43
N ASN A 14 4.90 -0.96 -0.28
CA ASN A 14 6.31 -0.73 0.00
C ASN A 14 6.55 0.73 0.41
N GLU A 15 5.79 1.64 -0.21
CA GLU A 15 5.93 3.06 0.09
C GLU A 15 5.81 3.32 1.59
N CYS A 16 4.61 3.10 2.13
CA CYS A 16 4.36 3.31 3.55
C CYS A 16 4.38 1.98 4.31
N GLY A 17 3.85 0.93 3.67
CA GLY A 17 3.81 -0.38 4.30
C GLY A 17 2.41 -0.83 4.60
N LYS A 18 1.99 -1.94 4.01
CA LYS A 18 0.66 -2.49 4.21
C LYS A 18 0.50 -3.83 3.51
N ALA A 19 -0.63 -4.49 3.76
CA ALA A 19 -0.90 -5.79 3.15
C ALA A 19 -2.26 -5.80 2.46
N PHE A 20 -2.45 -6.73 1.54
CA PHE A 20 -3.70 -6.84 0.80
C PHE A 20 -3.85 -8.23 0.19
N THR A 21 -5.09 -8.72 0.16
CA THR A 21 -5.37 -10.05 -0.39
C THR A 21 -5.44 -10.00 -1.91
N PHE A 22 -6.00 -8.91 -2.45
CA PHE A 22 -6.12 -8.74 -3.89
C PHE A 22 -5.35 -7.51 -4.37
N LYS A 23 -4.95 -7.53 -5.63
CA LYS A 23 -4.21 -6.42 -6.21
C LYS A 23 -5.00 -5.11 -6.09
N SER A 24 -6.14 -5.05 -6.79
CA SER A 24 -6.98 -3.87 -6.76
C SER A 24 -6.95 -3.20 -5.39
N GLN A 25 -7.07 -4.01 -4.34
CA GLN A 25 -7.06 -3.51 -2.98
C GLN A 25 -5.78 -2.71 -2.71
N LEU A 26 -4.65 -3.25 -3.13
CA LEU A 26 -3.36 -2.60 -2.93
C LEU A 26 -3.23 -1.38 -3.83
N ILE A 27 -3.88 -1.43 -4.99
CA ILE A 27 -3.84 -0.32 -5.94
C ILE A 27 -4.52 0.92 -5.36
N VAL A 28 -5.66 0.73 -4.73
CA VAL A 28 -6.41 1.83 -4.13
C VAL A 28 -5.62 2.48 -3.01
N HIS A 29 -5.00 1.63 -2.18
CA HIS A 29 -4.20 2.12 -1.05
C HIS A 29 -2.91 2.76 -1.54
N LYS A 30 -2.41 2.29 -2.68
CA LYS A 30 -1.18 2.82 -3.25
C LYS A 30 -1.40 4.21 -3.82
N GLY A 31 -2.61 4.47 -4.30
CA GLY A 31 -2.93 5.76 -4.87
C GLY A 31 -2.69 6.90 -3.89
N VAL A 32 -2.76 6.60 -2.61
CA VAL A 32 -2.56 7.59 -1.56
C VAL A 32 -1.15 8.17 -1.63
N HIS A 33 -0.22 7.39 -2.18
CA HIS A 33 1.17 7.82 -2.30
C HIS A 33 1.43 8.41 -3.68
N THR A 34 0.59 8.05 -4.64
CA THR A 34 0.73 8.55 -6.01
C THR A 34 -0.04 9.85 -6.21
N GLY A 35 0.15 10.79 -5.28
CA GLY A 35 -0.54 12.06 -5.37
C GLY A 35 0.11 13.13 -4.53
N VAL A 36 0.02 12.98 -3.20
CA VAL A 36 0.61 13.95 -2.29
C VAL A 36 1.23 13.25 -1.09
N LYS A 37 2.54 13.44 -0.91
CA LYS A 37 3.26 12.82 0.20
C LYS A 37 4.68 13.35 0.28
N PRO A 38 5.16 13.59 1.51
CA PRO A 38 6.52 14.10 1.76
C PRO A 38 7.59 13.05 1.44
N SER A 39 8.02 13.03 0.18
CA SER A 39 9.04 12.08 -0.25
C SER A 39 10.35 12.80 -0.59
N GLY A 40 11.10 13.16 0.45
CA GLY A 40 12.36 13.84 0.25
C GLY A 40 12.19 15.17 -0.47
N PRO A 41 13.02 16.15 -0.10
CA PRO A 41 12.97 17.49 -0.70
C PRO A 41 13.44 17.49 -2.15
N SER A 42 12.58 17.95 -3.05
CA SER A 42 12.91 17.99 -4.47
C SER A 42 13.51 16.68 -4.94
N SER A 43 12.89 15.58 -4.52
CA SER A 43 13.38 14.25 -4.90
C SER A 43 12.41 13.57 -5.87
N GLY A 44 11.92 14.35 -6.84
CA GLY A 44 11.00 13.82 -7.82
C GLY A 44 11.71 13.01 -8.89
N GLY A 1 -3.29 -9.88 23.74
CA GLY A 1 -3.31 -10.69 22.53
C GLY A 1 -1.98 -10.69 21.81
N SER A 2 -1.59 -9.52 21.31
CA SER A 2 -0.33 -9.39 20.58
C SER A 2 -0.33 -10.26 19.32
N SER A 3 -1.45 -10.26 18.61
CA SER A 3 -1.59 -11.04 17.39
C SER A 3 -1.15 -10.23 16.17
N GLY A 4 -0.72 -10.94 15.13
CA GLY A 4 -0.28 -10.26 13.92
C GLY A 4 -1.30 -10.35 12.81
N SER A 5 -0.89 -10.89 11.67
CA SER A 5 -1.78 -11.03 10.52
C SER A 5 -2.31 -12.45 10.41
N SER A 6 -3.55 -12.59 9.95
CA SER A 6 -4.17 -13.89 9.80
C SER A 6 -4.02 -14.42 8.37
N GLY A 7 -2.97 -15.20 8.14
CA GLY A 7 -2.72 -15.74 6.82
C GLY A 7 -1.56 -15.06 6.12
N GLU A 8 -1.58 -15.09 4.78
CA GLU A 8 -0.52 -14.49 4.00
C GLU A 8 -1.09 -13.71 2.82
N LYS A 9 -0.63 -12.47 2.65
CA LYS A 9 -1.11 -11.62 1.56
C LYS A 9 -0.01 -11.43 0.51
N PRO A 10 -0.27 -11.93 -0.70
CA PRO A 10 0.68 -11.83 -1.82
C PRO A 10 0.83 -10.40 -2.33
N TYR A 11 0.16 -9.47 -1.65
CA TYR A 11 0.21 -8.07 -2.05
C TYR A 11 0.44 -7.17 -0.83
N SER A 12 1.63 -6.59 -0.75
CA SER A 12 1.99 -5.71 0.36
C SER A 12 2.63 -4.43 -0.14
N CYS A 13 2.23 -3.30 0.44
CA CYS A 13 2.78 -2.01 0.06
C CYS A 13 4.25 -1.90 0.45
N ASN A 14 4.95 -0.95 -0.17
CA ASN A 14 6.36 -0.75 0.11
C ASN A 14 6.63 0.69 0.56
N GLU A 15 5.90 1.64 -0.04
CA GLU A 15 6.05 3.04 0.30
C GLU A 15 5.87 3.27 1.80
N CYS A 16 4.65 3.10 2.27
CA CYS A 16 4.33 3.29 3.67
C CYS A 16 4.34 1.95 4.42
N GLY A 17 3.82 0.91 3.76
CA GLY A 17 3.78 -0.40 4.38
C GLY A 17 2.36 -0.87 4.65
N LYS A 18 1.97 -1.97 4.03
CA LYS A 18 0.63 -2.53 4.21
C LYS A 18 0.49 -3.86 3.50
N ALA A 19 -0.62 -4.56 3.76
CA ALA A 19 -0.87 -5.85 3.14
C ALA A 19 -2.21 -5.86 2.43
N PHE A 20 -2.38 -6.78 1.49
CA PHE A 20 -3.62 -6.90 0.73
C PHE A 20 -3.75 -8.29 0.11
N THR A 21 -4.99 -8.79 0.08
CA THR A 21 -5.25 -10.11 -0.49
C THR A 21 -5.36 -10.04 -2.01
N PHE A 22 -5.86 -8.92 -2.51
CA PHE A 22 -6.01 -8.73 -3.95
C PHE A 22 -5.30 -7.47 -4.42
N LYS A 23 -4.90 -7.45 -5.68
CA LYS A 23 -4.21 -6.30 -6.26
C LYS A 23 -5.05 -5.03 -6.12
N SER A 24 -6.22 -5.03 -6.73
CA SER A 24 -7.11 -3.89 -6.68
C SER A 24 -7.04 -3.20 -5.32
N GLN A 25 -7.25 -3.98 -4.25
CA GLN A 25 -7.20 -3.45 -2.90
C GLN A 25 -5.90 -2.70 -2.66
N LEU A 26 -4.80 -3.23 -3.17
CA LEU A 26 -3.49 -2.61 -3.01
C LEU A 26 -3.37 -1.36 -3.87
N ILE A 27 -4.06 -1.36 -5.01
CA ILE A 27 -4.04 -0.22 -5.92
C ILE A 27 -4.68 1.01 -5.28
N VAL A 28 -5.81 0.80 -4.62
CA VAL A 28 -6.52 1.89 -3.96
C VAL A 28 -5.68 2.50 -2.84
N HIS A 29 -4.97 1.65 -2.11
CA HIS A 29 -4.13 2.11 -1.01
C HIS A 29 -2.85 2.74 -1.54
N LYS A 30 -2.42 2.30 -2.71
CA LYS A 30 -1.21 2.83 -3.33
C LYS A 30 -1.46 4.21 -3.93
N GLY A 31 -2.69 4.46 -4.36
CA GLY A 31 -3.04 5.74 -4.93
C GLY A 31 -2.68 6.90 -4.03
N VAL A 32 -2.78 6.68 -2.72
CA VAL A 32 -2.46 7.72 -1.74
C VAL A 32 -1.06 8.28 -1.98
N HIS A 33 -0.14 7.41 -2.34
CA HIS A 33 1.24 7.81 -2.60
C HIS A 33 1.40 8.33 -4.02
N THR A 34 0.83 7.60 -4.97
CA THR A 34 0.91 7.98 -6.38
C THR A 34 0.71 9.48 -6.56
N GLY A 35 1.66 10.14 -7.21
CA GLY A 35 1.55 11.58 -7.43
C GLY A 35 2.50 12.36 -6.54
N VAL A 36 2.07 12.60 -5.31
CA VAL A 36 2.89 13.36 -4.35
C VAL A 36 4.27 12.74 -4.21
N LYS A 37 5.30 13.58 -4.26
CA LYS A 37 6.68 13.13 -4.12
C LYS A 37 7.51 14.12 -3.32
N PRO A 38 8.50 13.60 -2.58
CA PRO A 38 9.39 14.43 -1.76
C PRO A 38 10.33 15.29 -2.59
N SER A 39 9.86 16.48 -2.97
CA SER A 39 10.67 17.39 -3.78
C SER A 39 12.01 17.66 -3.12
N GLY A 40 13.06 17.73 -3.94
CA GLY A 40 14.39 17.98 -3.42
C GLY A 40 15.46 17.89 -4.50
N PRO A 41 16.68 18.32 -4.16
CA PRO A 41 17.81 18.30 -5.09
C PRO A 41 18.29 16.89 -5.40
N SER A 42 18.79 16.69 -6.61
CA SER A 42 19.27 15.38 -7.03
C SER A 42 18.39 14.26 -6.47
N SER A 43 17.08 14.47 -6.53
CA SER A 43 16.12 13.49 -6.03
C SER A 43 16.29 12.16 -6.75
N GLY A 44 16.27 11.07 -5.98
CA GLY A 44 16.42 9.75 -6.57
C GLY A 44 15.16 8.92 -6.44
N GLY A 1 -4.62 -4.52 21.11
CA GLY A 1 -4.04 -5.46 20.15
C GLY A 1 -5.10 -6.31 19.47
N SER A 2 -5.71 -5.76 18.43
CA SER A 2 -6.75 -6.47 17.69
C SER A 2 -6.22 -6.95 16.34
N SER A 3 -5.14 -6.34 15.88
CA SER A 3 -4.54 -6.70 14.61
C SER A 3 -3.84 -8.05 14.69
N GLY A 4 -4.01 -8.87 13.66
CA GLY A 4 -3.39 -10.18 13.64
C GLY A 4 -4.09 -11.13 12.68
N SER A 5 -3.48 -11.35 11.51
CA SER A 5 -4.05 -12.24 10.51
C SER A 5 -3.32 -13.58 10.49
N SER A 6 -3.97 -14.59 9.94
CA SER A 6 -3.39 -15.93 9.86
C SER A 6 -2.80 -16.18 8.47
N GLY A 7 -3.65 -16.09 7.46
CA GLY A 7 -3.20 -16.33 6.10
C GLY A 7 -2.08 -15.39 5.69
N GLU A 8 -1.73 -15.40 4.40
CA GLU A 8 -0.67 -14.54 3.90
C GLU A 8 -1.14 -13.75 2.68
N LYS A 9 -0.91 -12.45 2.70
CA LYS A 9 -1.31 -11.58 1.60
C LYS A 9 -0.16 -11.38 0.62
N PRO A 10 -0.32 -11.92 -0.60
CA PRO A 10 0.68 -11.82 -1.65
C PRO A 10 0.81 -10.40 -2.19
N TYR A 11 0.08 -9.46 -1.59
CA TYR A 11 0.12 -8.08 -2.02
C TYR A 11 0.36 -7.15 -0.82
N SER A 12 1.54 -6.55 -0.78
CA SER A 12 1.91 -5.64 0.30
C SER A 12 2.50 -4.35 -0.25
N CYS A 13 2.28 -3.26 0.49
CA CYS A 13 2.80 -1.96 0.07
C CYS A 13 4.27 -1.80 0.44
N ASN A 14 4.97 -0.93 -0.27
CA ASN A 14 6.38 -0.69 -0.02
C ASN A 14 6.63 0.74 0.43
N GLU A 15 5.89 1.67 -0.16
CA GLU A 15 6.01 3.09 0.18
C GLU A 15 5.86 3.31 1.68
N CYS A 16 4.66 3.07 2.19
CA CYS A 16 4.37 3.25 3.61
C CYS A 16 4.37 1.90 4.33
N GLY A 17 3.90 0.86 3.64
CA GLY A 17 3.85 -0.46 4.22
C GLY A 17 2.43 -0.90 4.53
N LYS A 18 2.02 -2.02 3.95
CA LYS A 18 0.68 -2.55 4.16
C LYS A 18 0.51 -3.90 3.47
N ALA A 19 -0.63 -4.54 3.72
CA ALA A 19 -0.92 -5.84 3.11
C ALA A 19 -2.29 -5.84 2.45
N PHE A 20 -2.50 -6.78 1.53
CA PHE A 20 -3.77 -6.89 0.82
C PHE A 20 -3.91 -8.27 0.19
N THR A 21 -5.13 -8.80 0.22
CA THR A 21 -5.41 -10.12 -0.35
C THR A 21 -5.52 -10.05 -1.86
N PHE A 22 -6.00 -8.91 -2.37
CA PHE A 22 -6.16 -8.72 -3.81
C PHE A 22 -5.34 -7.53 -4.29
N LYS A 23 -4.93 -7.57 -5.55
CA LYS A 23 -4.15 -6.48 -6.13
C LYS A 23 -4.91 -5.17 -6.08
N SER A 24 -6.10 -5.15 -6.66
CA SER A 24 -6.93 -3.95 -6.69
C SER A 24 -6.88 -3.23 -5.35
N GLN A 25 -7.20 -3.95 -4.28
CA GLN A 25 -7.19 -3.38 -2.94
C GLN A 25 -5.88 -2.66 -2.67
N LEU A 26 -4.79 -3.20 -3.20
CA LEU A 26 -3.47 -2.60 -3.02
C LEU A 26 -3.30 -1.36 -3.90
N ILE A 27 -3.87 -1.42 -5.09
CA ILE A 27 -3.78 -0.30 -6.04
C ILE A 27 -4.48 0.94 -5.48
N VAL A 28 -5.63 0.73 -4.85
CA VAL A 28 -6.39 1.84 -4.27
C VAL A 28 -5.63 2.47 -3.11
N HIS A 29 -5.01 1.63 -2.29
CA HIS A 29 -4.25 2.11 -1.13
C HIS A 29 -2.93 2.75 -1.58
N LYS A 30 -2.45 2.32 -2.74
CA LYS A 30 -1.20 2.85 -3.27
C LYS A 30 -1.41 4.24 -3.87
N GLY A 31 -2.64 4.53 -4.26
CA GLY A 31 -2.94 5.82 -4.85
C GLY A 31 -2.72 6.97 -3.88
N VAL A 32 -2.80 6.67 -2.59
CA VAL A 32 -2.60 7.67 -1.56
C VAL A 32 -1.19 8.25 -1.61
N HIS A 33 -0.26 7.47 -2.15
CA HIS A 33 1.13 7.91 -2.26
C HIS A 33 1.39 8.53 -3.63
N THR A 34 0.84 7.91 -4.67
CA THR A 34 1.01 8.40 -6.03
C THR A 34 0.59 9.86 -6.16
N GLY A 35 1.53 10.73 -6.50
CA GLY A 35 1.23 12.14 -6.64
C GLY A 35 2.16 13.02 -5.84
N VAL A 36 1.94 13.09 -4.53
CA VAL A 36 2.77 13.91 -3.65
C VAL A 36 4.09 13.22 -3.35
N LYS A 37 5.16 14.00 -3.29
CA LYS A 37 6.49 13.47 -3.01
C LYS A 37 7.14 14.19 -1.83
N PRO A 38 6.90 13.68 -0.62
CA PRO A 38 7.45 14.27 0.61
C PRO A 38 8.96 14.07 0.72
N SER A 39 9.66 15.13 1.11
CA SER A 39 11.11 15.08 1.25
C SER A 39 11.50 14.30 2.49
N GLY A 40 12.20 13.19 2.29
CA GLY A 40 12.64 12.36 3.41
C GLY A 40 14.14 12.42 3.63
N PRO A 41 14.65 11.53 4.48
CA PRO A 41 16.08 11.45 4.79
C PRO A 41 16.91 10.95 3.61
N SER A 42 16.45 9.86 2.99
CA SER A 42 17.15 9.29 1.85
C SER A 42 16.57 9.79 0.54
N SER A 43 17.45 10.13 -0.40
CA SER A 43 17.02 10.64 -1.70
C SER A 43 17.00 9.52 -2.73
N GLY A 44 15.85 9.35 -3.38
CA GLY A 44 15.71 8.31 -4.38
C GLY A 44 14.93 8.78 -5.60
N GLY A 1 -8.55 -2.17 10.80
CA GLY A 1 -7.49 -2.50 9.86
C GLY A 1 -7.74 -3.78 9.11
N SER A 2 -7.40 -4.91 9.72
CA SER A 2 -7.59 -6.22 9.10
C SER A 2 -8.30 -7.16 10.05
N SER A 3 -9.23 -7.94 9.50
CA SER A 3 -9.99 -8.90 10.31
C SER A 3 -9.23 -10.22 10.44
N GLY A 4 -8.67 -10.69 9.33
CA GLY A 4 -7.92 -11.93 9.36
C GLY A 4 -8.16 -12.77 8.12
N SER A 5 -7.15 -12.86 7.26
CA SER A 5 -7.25 -13.63 6.03
C SER A 5 -6.38 -14.88 6.09
N SER A 6 -7.02 -16.05 6.01
CA SER A 6 -6.31 -17.32 6.06
C SER A 6 -5.23 -17.38 4.98
N GLY A 7 -3.99 -17.12 5.38
CA GLY A 7 -2.89 -17.16 4.42
C GLY A 7 -2.23 -15.81 4.27
N GLU A 8 -0.99 -15.81 3.77
CA GLU A 8 -0.24 -14.58 3.57
C GLU A 8 -0.82 -13.78 2.41
N LYS A 9 -0.55 -12.48 2.39
CA LYS A 9 -1.04 -11.60 1.34
C LYS A 9 0.03 -11.37 0.28
N PRO A 10 -0.23 -11.85 -0.94
CA PRO A 10 0.70 -11.70 -2.06
C PRO A 10 0.82 -10.26 -2.54
N TYR A 11 0.14 -9.36 -1.85
CA TYR A 11 0.17 -7.94 -2.19
C TYR A 11 0.40 -7.08 -0.96
N SER A 12 1.60 -6.50 -0.88
CA SER A 12 1.95 -5.65 0.25
C SER A 12 2.61 -4.36 -0.22
N CYS A 13 2.19 -3.24 0.35
CA CYS A 13 2.74 -1.94 -0.02
C CYS A 13 4.21 -1.82 0.40
N ASN A 14 4.93 -0.90 -0.23
CA ASN A 14 6.34 -0.70 0.07
C ASN A 14 6.59 0.72 0.55
N GLU A 15 5.87 1.67 -0.03
CA GLU A 15 6.01 3.08 0.34
C GLU A 15 5.82 3.26 1.84
N CYS A 16 4.57 3.09 2.29
CA CYS A 16 4.26 3.25 3.71
C CYS A 16 4.32 1.91 4.43
N GLY A 17 3.84 0.86 3.76
CA GLY A 17 3.86 -0.47 4.35
C GLY A 17 2.47 -0.97 4.69
N LYS A 18 2.06 -2.05 4.03
CA LYS A 18 0.74 -2.64 4.26
C LYS A 18 0.58 -3.94 3.49
N ALA A 19 -0.51 -4.65 3.77
CA ALA A 19 -0.77 -5.92 3.10
C ALA A 19 -2.15 -5.92 2.44
N PHE A 20 -2.34 -6.79 1.47
CA PHE A 20 -3.62 -6.88 0.76
C PHE A 20 -3.78 -8.26 0.10
N THR A 21 -4.98 -8.80 0.18
CA THR A 21 -5.26 -10.11 -0.40
C THR A 21 -5.41 -10.01 -1.91
N PHE A 22 -6.04 -8.94 -2.38
CA PHE A 22 -6.25 -8.73 -3.81
C PHE A 22 -5.49 -7.50 -4.29
N LYS A 23 -5.01 -7.55 -5.52
CA LYS A 23 -4.27 -6.44 -6.11
C LYS A 23 -5.06 -5.15 -6.00
N SER A 24 -6.20 -5.10 -6.66
CA SER A 24 -7.06 -3.92 -6.64
C SER A 24 -6.97 -3.21 -5.30
N GLN A 25 -7.23 -3.95 -4.23
CA GLN A 25 -7.18 -3.39 -2.88
C GLN A 25 -5.88 -2.61 -2.66
N LEU A 26 -4.78 -3.18 -3.12
CA LEU A 26 -3.47 -2.53 -2.98
C LEU A 26 -3.35 -1.35 -3.93
N ILE A 27 -3.93 -1.47 -5.12
CA ILE A 27 -3.88 -0.43 -6.12
C ILE A 27 -4.53 0.86 -5.60
N VAL A 28 -5.62 0.70 -4.85
CA VAL A 28 -6.33 1.84 -4.29
C VAL A 28 -5.54 2.49 -3.16
N HIS A 29 -5.02 1.66 -2.26
CA HIS A 29 -4.23 2.15 -1.14
C HIS A 29 -2.94 2.82 -1.62
N LYS A 30 -2.47 2.39 -2.79
CA LYS A 30 -1.25 2.95 -3.36
C LYS A 30 -1.50 4.34 -3.91
N GLY A 31 -2.73 4.60 -4.35
CA GLY A 31 -3.07 5.90 -4.89
C GLY A 31 -2.74 7.03 -3.94
N VAL A 32 -2.80 6.75 -2.65
CA VAL A 32 -2.51 7.76 -1.64
C VAL A 32 -1.08 8.28 -1.77
N HIS A 33 -0.18 7.40 -2.21
CA HIS A 33 1.22 7.77 -2.39
C HIS A 33 1.47 8.32 -3.79
N THR A 34 1.18 7.50 -4.80
CA THR A 34 1.36 7.90 -6.19
C THR A 34 0.23 8.79 -6.67
N GLY A 35 -0.06 9.84 -5.89
CA GLY A 35 -1.13 10.76 -6.25
C GLY A 35 -0.90 12.14 -5.69
N VAL A 36 -1.20 12.33 -4.41
CA VAL A 36 -1.04 13.61 -3.76
C VAL A 36 -0.20 13.48 -2.48
N LYS A 37 0.62 14.47 -2.21
CA LYS A 37 1.47 14.48 -1.02
C LYS A 37 1.33 15.77 -0.25
N PRO A 38 1.38 15.68 1.08
CA PRO A 38 1.25 16.84 1.97
C PRO A 38 2.47 17.76 1.90
N SER A 39 2.48 18.78 2.74
CA SER A 39 3.59 19.74 2.76
C SER A 39 4.15 19.87 4.17
N GLY A 40 5.25 19.17 4.44
CA GLY A 40 5.87 19.23 5.75
C GLY A 40 7.05 18.28 5.88
N PRO A 41 7.40 17.92 7.12
CA PRO A 41 8.51 17.03 7.40
C PRO A 41 8.22 15.59 6.98
N SER A 42 7.06 15.38 6.38
CA SER A 42 6.65 14.06 5.92
C SER A 42 7.86 13.26 5.42
N SER A 43 7.96 12.01 5.85
CA SER A 43 9.07 11.15 5.45
C SER A 43 10.41 11.85 5.68
N GLY A 44 10.52 12.51 6.82
CA GLY A 44 11.76 13.21 7.15
C GLY A 44 12.52 12.56 8.28
N GLY A 1 5.46 -3.05 20.75
CA GLY A 1 4.24 -2.96 19.97
C GLY A 1 3.89 -4.28 19.30
N SER A 2 2.58 -4.55 19.19
CA SER A 2 2.11 -5.77 18.56
C SER A 2 0.95 -5.49 17.61
N SER A 3 0.91 -6.22 16.51
CA SER A 3 -0.16 -6.05 15.52
C SER A 3 -0.90 -7.36 15.29
N GLY A 4 -2.10 -7.26 14.72
CA GLY A 4 -2.89 -8.44 14.45
C GLY A 4 -3.13 -8.67 12.98
N SER A 5 -2.71 -9.83 12.48
CA SER A 5 -2.87 -10.15 11.06
C SER A 5 -2.67 -11.65 10.83
N SER A 6 -3.72 -12.31 10.33
CA SER A 6 -3.65 -13.74 10.07
C SER A 6 -4.15 -14.05 8.65
N GLY A 7 -3.21 -14.25 7.73
CA GLY A 7 -3.56 -14.55 6.36
C GLY A 7 -2.56 -14.00 5.37
N GLU A 8 -1.71 -14.89 4.84
CA GLU A 8 -0.68 -14.49 3.89
C GLU A 8 -1.30 -13.65 2.76
N LYS A 9 -0.64 -12.55 2.43
CA LYS A 9 -1.11 -11.66 1.38
C LYS A 9 -0.02 -11.43 0.33
N PRO A 10 -0.27 -11.90 -0.90
CA PRO A 10 0.67 -11.76 -2.01
C PRO A 10 0.79 -10.32 -2.49
N TYR A 11 0.11 -9.41 -1.79
CA TYR A 11 0.14 -8.00 -2.15
C TYR A 11 0.37 -7.13 -0.92
N SER A 12 1.55 -6.53 -0.84
CA SER A 12 1.91 -5.67 0.30
C SER A 12 2.56 -4.38 -0.18
N CYS A 13 2.13 -3.27 0.39
CA CYS A 13 2.68 -1.97 0.03
C CYS A 13 4.15 -1.87 0.39
N ASN A 14 4.84 -0.92 -0.24
CA ASN A 14 6.27 -0.72 0.02
C ASN A 14 6.55 0.71 0.46
N GLU A 15 5.84 1.66 -0.14
CA GLU A 15 6.01 3.07 0.20
C GLU A 15 5.84 3.30 1.70
N CYS A 16 4.63 3.07 2.20
CA CYS A 16 4.34 3.25 3.62
C CYS A 16 4.36 1.91 4.35
N GLY A 17 3.88 0.87 3.67
CA GLY A 17 3.84 -0.45 4.28
C GLY A 17 2.44 -0.92 4.60
N LYS A 18 2.03 -2.02 3.98
CA LYS A 18 0.69 -2.57 4.21
C LYS A 18 0.53 -3.91 3.49
N ALA A 19 -0.59 -4.58 3.74
CA ALA A 19 -0.86 -5.87 3.12
C ALA A 19 -2.22 -5.86 2.44
N PHE A 20 -2.41 -6.77 1.48
CA PHE A 20 -3.67 -6.88 0.76
C PHE A 20 -3.82 -8.26 0.13
N THR A 21 -5.05 -8.78 0.16
CA THR A 21 -5.33 -10.10 -0.41
C THR A 21 -5.44 -10.02 -1.92
N PHE A 22 -5.92 -8.90 -2.44
CA PHE A 22 -6.07 -8.71 -3.87
C PHE A 22 -5.33 -7.46 -4.33
N LYS A 23 -4.86 -7.49 -5.57
CA LYS A 23 -4.13 -6.36 -6.15
C LYS A 23 -4.95 -5.08 -6.02
N SER A 24 -6.10 -5.05 -6.70
CA SER A 24 -6.97 -3.89 -6.67
C SER A 24 -6.91 -3.20 -5.31
N GLN A 25 -7.22 -3.95 -4.26
CA GLN A 25 -7.19 -3.41 -2.91
C GLN A 25 -5.91 -2.63 -2.64
N LEU A 26 -4.80 -3.18 -3.11
CA LEU A 26 -3.49 -2.54 -2.92
C LEU A 26 -3.36 -1.32 -3.82
N ILE A 27 -3.86 -1.43 -5.04
CA ILE A 27 -3.80 -0.33 -6.00
C ILE A 27 -4.48 0.93 -5.44
N VAL A 28 -5.61 0.73 -4.79
CA VAL A 28 -6.36 1.83 -4.20
C VAL A 28 -5.59 2.47 -3.06
N HIS A 29 -5.05 1.65 -2.17
CA HIS A 29 -4.29 2.14 -1.03
C HIS A 29 -2.97 2.79 -1.49
N LYS A 30 -2.47 2.34 -2.63
CA LYS A 30 -1.24 2.88 -3.19
C LYS A 30 -1.46 4.26 -3.80
N GLY A 31 -2.65 4.47 -4.34
CA GLY A 31 -2.97 5.75 -4.95
C GLY A 31 -2.67 6.92 -4.03
N VAL A 32 -2.84 6.70 -2.72
CA VAL A 32 -2.59 7.74 -1.74
C VAL A 32 -1.15 8.26 -1.85
N HIS A 33 -0.23 7.37 -2.18
CA HIS A 33 1.18 7.74 -2.32
C HIS A 33 1.47 8.27 -3.72
N THR A 34 0.68 7.81 -4.69
CA THR A 34 0.85 8.23 -6.08
C THR A 34 0.07 9.50 -6.37
N GLY A 35 0.22 10.50 -5.49
CA GLY A 35 -0.48 11.76 -5.68
C GLY A 35 -0.52 12.58 -4.41
N VAL A 36 0.64 12.72 -3.76
CA VAL A 36 0.73 13.50 -2.52
C VAL A 36 1.99 14.34 -2.50
N LYS A 37 1.90 15.50 -1.86
CA LYS A 37 3.04 16.42 -1.75
C LYS A 37 3.31 16.79 -0.30
N PRO A 38 4.61 16.88 0.04
CA PRO A 38 5.03 17.23 1.40
C PRO A 38 4.73 18.67 1.75
N SER A 39 4.88 19.01 3.03
CA SER A 39 4.62 20.37 3.50
C SER A 39 5.35 21.39 2.64
N GLY A 40 5.20 22.67 2.98
CA GLY A 40 5.85 23.73 2.23
C GLY A 40 7.23 23.33 1.74
N PRO A 41 7.60 23.83 0.56
CA PRO A 41 8.90 23.53 -0.06
C PRO A 41 10.06 24.18 0.71
N SER A 42 9.74 24.85 1.80
CA SER A 42 10.75 25.51 2.62
C SER A 42 11.50 24.50 3.47
N SER A 43 12.03 23.47 2.83
CA SER A 43 12.77 22.42 3.53
C SER A 43 14.08 22.10 2.82
N GLY A 44 15.04 23.02 2.91
CA GLY A 44 16.32 22.81 2.28
C GLY A 44 17.49 22.96 3.24
N GLY A 1 1.33 -9.03 19.91
CA GLY A 1 0.28 -9.97 20.28
C GLY A 1 0.42 -11.30 19.56
N SER A 2 0.39 -12.39 20.31
CA SER A 2 0.52 -13.72 19.74
C SER A 2 -0.47 -13.91 18.58
N SER A 3 -1.72 -13.52 18.81
CA SER A 3 -2.76 -13.66 17.80
C SER A 3 -2.23 -13.27 16.43
N GLY A 4 -2.64 -14.02 15.40
CA GLY A 4 -2.19 -13.74 14.05
C GLY A 4 -2.20 -14.98 13.18
N SER A 5 -3.22 -15.82 13.34
CA SER A 5 -3.33 -17.05 12.57
C SER A 5 -4.10 -16.80 11.27
N SER A 6 -3.36 -16.64 10.18
CA SER A 6 -3.97 -16.41 8.87
C SER A 6 -2.93 -16.48 7.77
N GLY A 7 -3.38 -16.81 6.56
CA GLY A 7 -2.46 -16.91 5.42
C GLY A 7 -1.69 -15.64 5.20
N GLU A 8 -0.94 -15.60 4.10
CA GLU A 8 -0.13 -14.42 3.76
C GLU A 8 -0.71 -13.70 2.55
N LYS A 9 -0.60 -12.37 2.56
CA LYS A 9 -1.11 -11.55 1.47
C LYS A 9 -0.02 -11.32 0.41
N PRO A 10 -0.25 -11.84 -0.80
CA PRO A 10 0.69 -11.70 -1.91
C PRO A 10 0.76 -10.26 -2.43
N TYR A 11 0.05 -9.36 -1.75
CA TYR A 11 0.04 -7.96 -2.15
C TYR A 11 0.30 -7.05 -0.94
N SER A 12 1.46 -6.41 -0.93
CA SER A 12 1.83 -5.52 0.16
C SER A 12 2.35 -4.19 -0.37
N CYS A 13 2.27 -3.15 0.46
CA CYS A 13 2.73 -1.82 0.07
C CYS A 13 4.23 -1.67 0.34
N ASN A 14 4.85 -0.71 -0.35
CA ASN A 14 6.28 -0.45 -0.20
C ASN A 14 6.51 0.96 0.33
N GLU A 15 5.65 1.89 -0.05
CA GLU A 15 5.77 3.27 0.39
C GLU A 15 5.66 3.38 1.90
N CYS A 16 4.45 3.19 2.42
CA CYS A 16 4.20 3.27 3.85
C CYS A 16 4.13 1.87 4.46
N GLY A 17 4.02 0.86 3.60
CA GLY A 17 3.95 -0.51 4.09
C GLY A 17 2.52 -0.94 4.41
N LYS A 18 2.10 -2.06 3.84
CA LYS A 18 0.76 -2.58 4.08
C LYS A 18 0.59 -3.94 3.42
N ALA A 19 -0.56 -4.57 3.66
CA ALA A 19 -0.86 -5.88 3.09
C ALA A 19 -2.26 -5.90 2.48
N PHE A 20 -2.46 -6.79 1.52
CA PHE A 20 -3.76 -6.91 0.85
C PHE A 20 -3.90 -8.27 0.18
N THR A 21 -5.11 -8.83 0.25
CA THR A 21 -5.37 -10.14 -0.34
C THR A 21 -5.53 -10.03 -1.85
N PHE A 22 -6.15 -8.95 -2.30
CA PHE A 22 -6.37 -8.73 -3.73
C PHE A 22 -5.51 -7.57 -4.24
N LYS A 23 -5.17 -7.62 -5.52
CA LYS A 23 -4.35 -6.58 -6.13
C LYS A 23 -5.06 -5.22 -6.06
N SER A 24 -6.23 -5.14 -6.68
CA SER A 24 -7.01 -3.90 -6.69
C SER A 24 -6.92 -3.19 -5.34
N GLN A 25 -7.14 -3.95 -4.27
CA GLN A 25 -7.09 -3.40 -2.91
C GLN A 25 -5.77 -2.67 -2.68
N LEU A 26 -4.69 -3.24 -3.19
CA LEU A 26 -3.36 -2.64 -3.03
C LEU A 26 -3.20 -1.42 -3.93
N ILE A 27 -3.81 -1.48 -5.11
CA ILE A 27 -3.73 -0.37 -6.06
C ILE A 27 -4.41 0.87 -5.50
N VAL A 28 -5.56 0.68 -4.85
CA VAL A 28 -6.30 1.80 -4.27
C VAL A 28 -5.52 2.44 -3.13
N HIS A 29 -4.92 1.60 -2.28
CA HIS A 29 -4.14 2.09 -1.15
C HIS A 29 -2.84 2.74 -1.62
N LYS A 30 -2.33 2.27 -2.75
CA LYS A 30 -1.09 2.81 -3.31
C LYS A 30 -1.32 4.21 -3.89
N GLY A 31 -2.56 4.50 -4.26
CA GLY A 31 -2.89 5.79 -4.81
C GLY A 31 -2.61 6.93 -3.84
N VAL A 32 -2.71 6.63 -2.54
CA VAL A 32 -2.47 7.64 -1.52
C VAL A 32 -1.04 8.16 -1.59
N HIS A 33 -0.15 7.35 -2.13
CA HIS A 33 1.25 7.74 -2.27
C HIS A 33 1.53 8.33 -3.64
N THR A 34 0.60 8.13 -4.57
CA THR A 34 0.74 8.64 -5.92
C THR A 34 0.08 10.00 -6.08
N GLY A 35 0.32 10.88 -5.12
CA GLY A 35 -0.26 12.21 -5.15
C GLY A 35 0.68 13.28 -4.63
N VAL A 36 0.88 14.34 -5.42
CA VAL A 36 1.75 15.43 -5.03
C VAL A 36 1.20 16.18 -3.82
N LYS A 37 2.07 16.48 -2.86
CA LYS A 37 1.68 17.19 -1.65
C LYS A 37 2.66 18.31 -1.34
N PRO A 38 2.12 19.46 -0.90
CA PRO A 38 2.93 20.64 -0.55
C PRO A 38 3.75 20.42 0.71
N SER A 39 4.94 19.86 0.55
CA SER A 39 5.82 19.60 1.69
C SER A 39 7.23 20.12 1.41
N GLY A 40 7.31 21.30 0.82
CA GLY A 40 8.60 21.88 0.51
C GLY A 40 8.56 22.74 -0.75
N PRO A 41 8.53 22.07 -1.92
CA PRO A 41 8.50 22.75 -3.21
C PRO A 41 7.17 23.46 -3.46
N SER A 42 7.17 24.37 -4.43
CA SER A 42 5.96 25.12 -4.76
C SER A 42 5.05 24.30 -5.66
N SER A 43 4.89 23.02 -5.34
CA SER A 43 4.05 22.13 -6.12
C SER A 43 4.39 22.22 -7.60
N GLY A 44 5.68 22.28 -7.91
CA GLY A 44 6.12 22.37 -9.30
C GLY A 44 5.44 23.49 -10.04
N GLY A 1 6.97 -7.06 14.87
CA GLY A 1 6.10 -7.02 16.03
C GLY A 1 5.20 -8.24 16.12
N SER A 2 4.11 -8.24 15.36
CA SER A 2 3.17 -9.35 15.37
C SER A 2 3.32 -10.20 14.11
N SER A 3 3.77 -11.44 14.29
CA SER A 3 3.96 -12.35 13.18
C SER A 3 2.68 -12.50 12.36
N GLY A 4 1.60 -12.90 13.03
CA GLY A 4 0.33 -13.07 12.35
C GLY A 4 -0.02 -14.53 12.12
N SER A 5 -1.17 -14.96 12.63
CA SER A 5 -1.60 -16.33 12.48
C SER A 5 -3.03 -16.40 11.95
N SER A 6 -3.33 -15.53 10.99
CA SER A 6 -4.66 -15.49 10.38
C SER A 6 -4.60 -15.82 8.90
N GLY A 7 -3.63 -15.24 8.20
CA GLY A 7 -3.47 -15.48 6.78
C GLY A 7 -2.31 -14.72 6.17
N GLU A 8 -2.08 -14.93 4.88
CA GLU A 8 -0.98 -14.27 4.20
C GLU A 8 -1.49 -13.51 2.97
N LYS A 9 -0.97 -12.30 2.76
CA LYS A 9 -1.36 -11.47 1.63
C LYS A 9 -0.22 -11.31 0.65
N PRO A 10 -0.39 -11.86 -0.56
CA PRO A 10 0.63 -11.78 -1.62
C PRO A 10 0.78 -10.37 -2.17
N TYR A 11 0.06 -9.41 -1.57
CA TYR A 11 0.12 -8.03 -2.01
C TYR A 11 0.40 -7.10 -0.84
N SER A 12 1.60 -6.55 -0.79
CA SER A 12 1.98 -5.64 0.29
C SER A 12 2.57 -4.34 -0.28
N CYS A 13 2.41 -3.26 0.47
CA CYS A 13 2.93 -1.96 0.06
C CYS A 13 4.39 -1.80 0.46
N ASN A 14 5.10 -0.92 -0.25
CA ASN A 14 6.51 -0.68 0.02
C ASN A 14 6.73 0.76 0.48
N GLU A 15 5.96 1.68 -0.10
CA GLU A 15 6.07 3.09 0.25
C GLU A 15 5.89 3.31 1.74
N CYS A 16 4.67 3.08 2.23
CA CYS A 16 4.37 3.25 3.64
C CYS A 16 4.38 1.90 4.36
N GLY A 17 3.89 0.87 3.69
CA GLY A 17 3.86 -0.46 4.28
C GLY A 17 2.44 -0.91 4.60
N LYS A 18 2.04 -2.02 3.99
CA LYS A 18 0.70 -2.56 4.21
C LYS A 18 0.53 -3.90 3.49
N ALA A 19 -0.61 -4.54 3.71
CA ALA A 19 -0.90 -5.82 3.08
C ALA A 19 -2.30 -5.83 2.47
N PHE A 20 -2.51 -6.70 1.48
CA PHE A 20 -3.80 -6.82 0.82
C PHE A 20 -3.96 -8.20 0.18
N THR A 21 -5.18 -8.73 0.25
CA THR A 21 -5.48 -10.03 -0.32
C THR A 21 -5.47 -9.98 -1.84
N PHE A 22 -6.10 -8.96 -2.40
CA PHE A 22 -6.16 -8.80 -3.84
C PHE A 22 -5.34 -7.60 -4.30
N LYS A 23 -4.97 -7.60 -5.57
CA LYS A 23 -4.18 -6.50 -6.13
C LYS A 23 -4.96 -5.19 -6.10
N SER A 24 -6.14 -5.20 -6.73
CA SER A 24 -6.98 -4.01 -6.79
C SER A 24 -6.99 -3.29 -5.44
N GLN A 25 -7.18 -4.07 -4.37
CA GLN A 25 -7.22 -3.50 -3.02
C GLN A 25 -5.95 -2.74 -2.72
N LEU A 26 -4.83 -3.22 -3.24
CA LEU A 26 -3.54 -2.58 -3.02
C LEU A 26 -3.39 -1.34 -3.91
N ILE A 27 -3.90 -1.43 -5.13
CA ILE A 27 -3.83 -0.32 -6.07
C ILE A 27 -4.50 0.92 -5.50
N VAL A 28 -5.64 0.73 -4.84
CA VAL A 28 -6.38 1.84 -4.24
C VAL A 28 -5.59 2.47 -3.11
N HIS A 29 -5.05 1.62 -2.24
CA HIS A 29 -4.27 2.09 -1.09
C HIS A 29 -2.97 2.75 -1.56
N LYS A 30 -2.49 2.35 -2.72
CA LYS A 30 -1.27 2.91 -3.28
C LYS A 30 -1.49 4.32 -3.80
N GLY A 31 -2.70 4.59 -4.28
CA GLY A 31 -3.02 5.90 -4.79
C GLY A 31 -2.66 7.01 -3.83
N VAL A 32 -2.86 6.76 -2.54
CA VAL A 32 -2.55 7.74 -1.51
C VAL A 32 -1.14 8.30 -1.68
N HIS A 33 -0.23 7.44 -2.16
CA HIS A 33 1.16 7.85 -2.37
C HIS A 33 1.36 8.38 -3.78
N THR A 34 0.96 7.58 -4.77
CA THR A 34 1.11 7.97 -6.17
C THR A 34 -0.09 8.81 -6.62
N GLY A 35 -0.51 9.74 -5.78
CA GLY A 35 -1.64 10.60 -6.11
C GLY A 35 -1.23 12.05 -6.28
N VAL A 36 -2.02 12.95 -5.69
CA VAL A 36 -1.74 14.37 -5.77
C VAL A 36 -0.47 14.74 -5.01
N LYS A 37 0.27 15.71 -5.52
CA LYS A 37 1.50 16.16 -4.88
C LYS A 37 1.86 17.58 -5.30
N PRO A 38 2.05 18.46 -4.32
CA PRO A 38 2.39 19.87 -4.57
C PRO A 38 3.81 20.02 -5.11
N SER A 39 4.09 21.18 -5.68
CA SER A 39 5.42 21.46 -6.25
C SER A 39 6.39 21.91 -5.16
N GLY A 40 6.06 23.02 -4.50
CA GLY A 40 6.91 23.53 -3.44
C GLY A 40 8.19 24.15 -3.98
N PRO A 41 8.79 25.05 -3.19
CA PRO A 41 10.03 25.73 -3.57
C PRO A 41 11.23 24.78 -3.58
N SER A 42 11.36 23.98 -2.53
CA SER A 42 12.45 23.03 -2.42
C SER A 42 13.79 23.76 -2.40
N SER A 43 13.87 24.85 -1.65
CA SER A 43 15.09 25.64 -1.55
C SER A 43 15.91 25.21 -0.34
N GLY A 44 17.21 24.98 -0.56
CA GLY A 44 18.08 24.57 0.52
C GLY A 44 18.58 25.75 1.34
N GLY A 1 -18.89 -4.87 6.74
CA GLY A 1 -17.67 -5.37 6.14
C GLY A 1 -16.75 -6.00 7.18
N SER A 2 -16.71 -7.33 7.20
CA SER A 2 -15.87 -8.05 8.14
C SER A 2 -14.46 -8.24 7.58
N SER A 3 -13.50 -7.49 8.11
CA SER A 3 -12.12 -7.58 7.66
C SER A 3 -11.32 -8.51 8.56
N GLY A 4 -10.68 -9.51 7.96
CA GLY A 4 -9.88 -10.45 8.72
C GLY A 4 -10.36 -11.88 8.54
N SER A 5 -10.30 -12.38 7.31
CA SER A 5 -10.72 -13.73 7.01
C SER A 5 -9.62 -14.50 6.30
N SER A 6 -8.80 -13.79 5.53
CA SER A 6 -7.70 -14.40 4.80
C SER A 6 -6.42 -14.43 5.63
N GLY A 7 -5.38 -15.05 5.10
CA GLY A 7 -4.12 -15.13 5.81
C GLY A 7 -3.01 -14.35 5.12
N GLU A 8 -2.09 -15.07 4.49
CA GLU A 8 -0.97 -14.44 3.80
C GLU A 8 -1.47 -13.59 2.64
N LYS A 9 -0.93 -12.37 2.53
CA LYS A 9 -1.33 -11.46 1.46
C LYS A 9 -0.18 -11.26 0.48
N PRO A 10 -0.34 -11.80 -0.74
CA PRO A 10 0.68 -11.68 -1.80
C PRO A 10 0.80 -10.26 -2.34
N TYR A 11 0.05 -9.35 -1.73
CA TYR A 11 0.08 -7.95 -2.15
C TYR A 11 0.30 -7.02 -0.96
N SER A 12 1.47 -6.39 -0.93
CA SER A 12 1.82 -5.47 0.15
C SER A 12 2.29 -4.14 -0.40
N CYS A 13 2.27 -3.11 0.45
CA CYS A 13 2.72 -1.78 0.05
C CYS A 13 4.21 -1.60 0.29
N ASN A 14 4.79 -0.61 -0.38
CA ASN A 14 6.22 -0.34 -0.24
C ASN A 14 6.46 1.07 0.31
N GLU A 15 5.58 2.00 -0.06
CA GLU A 15 5.69 3.37 0.41
C GLU A 15 5.60 3.46 1.92
N CYS A 16 4.41 3.24 2.45
CA CYS A 16 4.18 3.29 3.90
C CYS A 16 4.14 1.87 4.48
N GLY A 17 4.00 0.88 3.61
CA GLY A 17 3.96 -0.50 4.07
C GLY A 17 2.55 -0.93 4.42
N LYS A 18 2.11 -2.06 3.84
CA LYS A 18 0.78 -2.59 4.10
C LYS A 18 0.58 -3.94 3.41
N ALA A 19 -0.55 -4.57 3.66
CA ALA A 19 -0.86 -5.86 3.06
C ALA A 19 -2.24 -5.85 2.42
N PHE A 20 -2.44 -6.75 1.45
CA PHE A 20 -3.72 -6.84 0.75
C PHE A 20 -3.90 -8.21 0.13
N THR A 21 -5.12 -8.74 0.20
CA THR A 21 -5.42 -10.05 -0.35
C THR A 21 -5.57 -9.99 -1.87
N PHE A 22 -6.14 -8.89 -2.36
CA PHE A 22 -6.33 -8.70 -3.78
C PHE A 22 -5.52 -7.52 -4.30
N LYS A 23 -5.08 -7.61 -5.56
CA LYS A 23 -4.29 -6.55 -6.17
C LYS A 23 -5.03 -5.21 -6.09
N SER A 24 -6.20 -5.15 -6.71
CA SER A 24 -6.99 -3.92 -6.71
C SER A 24 -6.95 -3.25 -5.34
N GLN A 25 -7.21 -4.02 -4.30
CA GLN A 25 -7.20 -3.49 -2.93
C GLN A 25 -5.89 -2.75 -2.65
N LEU A 26 -4.80 -3.29 -3.17
CA LEU A 26 -3.48 -2.68 -2.97
C LEU A 26 -3.30 -1.45 -3.84
N ILE A 27 -3.84 -1.51 -5.06
CA ILE A 27 -3.76 -0.40 -5.99
C ILE A 27 -4.42 0.85 -5.42
N VAL A 28 -5.58 0.66 -4.78
CA VAL A 28 -6.31 1.78 -4.18
C VAL A 28 -5.52 2.41 -3.05
N HIS A 29 -4.92 1.57 -2.21
CA HIS A 29 -4.13 2.05 -1.08
C HIS A 29 -2.84 2.69 -1.55
N LYS A 30 -2.31 2.20 -2.67
CA LYS A 30 -1.07 2.73 -3.23
C LYS A 30 -1.29 4.13 -3.80
N GLY A 31 -2.51 4.41 -4.23
CA GLY A 31 -2.83 5.70 -4.79
C GLY A 31 -2.54 6.84 -3.83
N VAL A 32 -2.59 6.54 -2.54
CA VAL A 32 -2.34 7.54 -1.51
C VAL A 32 -0.92 8.09 -1.61
N HIS A 33 -0.01 7.29 -2.18
CA HIS A 33 1.37 7.70 -2.35
C HIS A 33 1.62 8.19 -3.77
N THR A 34 1.45 7.30 -4.74
CA THR A 34 1.66 7.64 -6.14
C THR A 34 0.82 8.85 -6.54
N GLY A 35 -0.29 9.05 -5.84
CA GLY A 35 -1.16 10.16 -6.14
C GLY A 35 -0.44 11.50 -6.10
N VAL A 36 0.04 11.88 -4.92
CA VAL A 36 0.75 13.13 -4.75
C VAL A 36 1.60 13.46 -5.98
N LYS A 37 1.72 14.74 -6.29
CA LYS A 37 2.52 15.18 -7.43
C LYS A 37 3.59 16.17 -7.00
N PRO A 38 4.79 16.03 -7.59
CA PRO A 38 5.93 16.91 -7.29
C PRO A 38 5.73 18.32 -7.81
N SER A 39 6.68 19.19 -7.53
CA SER A 39 6.61 20.57 -7.98
C SER A 39 7.60 20.84 -9.11
N GLY A 40 7.20 20.49 -10.33
CA GLY A 40 8.06 20.69 -11.49
C GLY A 40 7.60 21.84 -12.36
N PRO A 41 8.57 22.55 -12.96
CA PRO A 41 8.29 23.69 -13.83
C PRO A 41 7.64 23.27 -15.14
N SER A 42 6.71 24.09 -15.63
CA SER A 42 6.01 23.81 -16.87
C SER A 42 5.60 22.34 -16.94
N SER A 43 4.93 21.86 -15.90
CA SER A 43 4.49 20.48 -15.83
C SER A 43 2.98 20.38 -15.98
N GLY A 44 2.25 21.16 -15.19
CA GLY A 44 0.80 21.15 -15.25
C GLY A 44 0.18 20.45 -14.07
N GLY A 1 -9.24 -11.41 19.94
CA GLY A 1 -9.31 -10.41 18.89
C GLY A 1 -8.49 -10.80 17.67
N SER A 2 -8.78 -11.96 17.10
CA SER A 2 -8.04 -12.45 15.94
C SER A 2 -8.93 -13.34 15.08
N SER A 3 -8.79 -13.20 13.76
CA SER A 3 -9.58 -13.99 12.82
C SER A 3 -8.94 -13.99 11.43
N GLY A 4 -8.82 -15.16 10.84
CA GLY A 4 -8.23 -15.27 9.51
C GLY A 4 -8.09 -16.71 9.06
N SER A 5 -7.15 -17.43 9.65
CA SER A 5 -6.91 -18.82 9.30
C SER A 5 -7.00 -19.03 7.78
N SER A 6 -6.42 -18.08 7.04
CA SER A 6 -6.43 -18.15 5.58
C SER A 6 -5.02 -18.31 5.04
N GLY A 7 -4.16 -17.35 5.34
CA GLY A 7 -2.79 -17.39 4.87
C GLY A 7 -2.13 -16.03 4.86
N GLU A 8 -1.31 -15.78 3.84
CA GLU A 8 -0.62 -14.50 3.73
C GLU A 8 -1.17 -13.68 2.57
N LYS A 9 -0.75 -12.42 2.49
CA LYS A 9 -1.20 -11.53 1.43
C LYS A 9 -0.09 -11.32 0.40
N PRO A 10 -0.32 -11.82 -0.83
CA PRO A 10 0.64 -11.69 -1.92
C PRO A 10 0.76 -10.26 -2.43
N TYR A 11 0.07 -9.34 -1.75
CA TYR A 11 0.10 -7.95 -2.14
C TYR A 11 0.37 -7.05 -0.94
N SER A 12 1.56 -6.46 -0.90
CA SER A 12 1.95 -5.58 0.19
C SER A 12 2.51 -4.27 -0.33
N CYS A 13 2.31 -3.19 0.44
CA CYS A 13 2.79 -1.88 0.05
C CYS A 13 4.29 -1.74 0.33
N ASN A 14 4.90 -0.76 -0.31
CA ASN A 14 6.34 -0.51 -0.14
C ASN A 14 6.61 0.90 0.35
N GLU A 15 5.67 1.80 0.05
CA GLU A 15 5.80 3.20 0.46
C GLU A 15 5.65 3.35 1.96
N CYS A 16 4.42 3.16 2.45
CA CYS A 16 4.14 3.27 3.88
C CYS A 16 4.10 1.90 4.53
N GLY A 17 3.98 0.86 3.71
CA GLY A 17 3.94 -0.50 4.23
C GLY A 17 2.52 -0.95 4.54
N LYS A 18 2.11 -2.06 3.95
CA LYS A 18 0.77 -2.59 4.16
C LYS A 18 0.59 -3.92 3.45
N ALA A 19 -0.54 -4.57 3.70
CA ALA A 19 -0.83 -5.85 3.08
C ALA A 19 -2.20 -5.85 2.41
N PHE A 20 -2.40 -6.74 1.44
CA PHE A 20 -3.67 -6.83 0.74
C PHE A 20 -3.85 -8.22 0.11
N THR A 21 -5.07 -8.73 0.18
CA THR A 21 -5.38 -10.05 -0.37
C THR A 21 -5.47 -10.00 -1.89
N PHE A 22 -6.03 -8.91 -2.41
CA PHE A 22 -6.18 -8.74 -3.86
C PHE A 22 -5.41 -7.52 -4.34
N LYS A 23 -4.97 -7.57 -5.59
CA LYS A 23 -4.22 -6.45 -6.17
C LYS A 23 -5.00 -5.16 -6.07
N SER A 24 -6.18 -5.12 -6.70
CA SER A 24 -7.03 -3.94 -6.68
C SER A 24 -6.97 -3.25 -5.32
N GLN A 25 -7.26 -4.01 -4.26
CA GLN A 25 -7.24 -3.46 -2.91
C GLN A 25 -5.94 -2.71 -2.65
N LEU A 26 -4.83 -3.24 -3.16
CA LEU A 26 -3.54 -2.61 -2.98
C LEU A 26 -3.38 -1.40 -3.89
N ILE A 27 -4.02 -1.46 -5.06
CA ILE A 27 -3.95 -0.37 -6.02
C ILE A 27 -4.58 0.90 -5.45
N VAL A 28 -5.69 0.74 -4.74
CA VAL A 28 -6.38 1.87 -4.15
C VAL A 28 -5.56 2.50 -3.03
N HIS A 29 -4.99 1.65 -2.18
CA HIS A 29 -4.17 2.12 -1.06
C HIS A 29 -2.88 2.75 -1.57
N LYS A 30 -2.39 2.26 -2.71
CA LYS A 30 -1.17 2.77 -3.31
C LYS A 30 -1.38 4.16 -3.89
N GLY A 31 -2.63 4.47 -4.23
CA GLY A 31 -2.93 5.77 -4.79
C GLY A 31 -2.54 6.91 -3.88
N VAL A 32 -2.70 6.70 -2.57
CA VAL A 32 -2.35 7.71 -1.58
C VAL A 32 -0.92 8.19 -1.76
N HIS A 33 -0.08 7.32 -2.34
CA HIS A 33 1.33 7.65 -2.56
C HIS A 33 1.54 8.18 -3.97
N THR A 34 0.92 7.53 -4.95
CA THR A 34 1.06 7.94 -6.35
C THR A 34 0.60 9.38 -6.54
N GLY A 35 -0.42 9.78 -5.79
CA GLY A 35 -0.95 11.13 -5.90
C GLY A 35 0.11 12.18 -5.59
N VAL A 36 -0.33 13.39 -5.29
CA VAL A 36 0.58 14.49 -4.98
C VAL A 36 1.82 13.98 -4.24
N LYS A 37 2.95 14.61 -4.50
CA LYS A 37 4.20 14.22 -3.85
C LYS A 37 5.14 15.42 -3.70
N PRO A 38 5.77 15.54 -2.53
CA PRO A 38 6.70 16.64 -2.24
C PRO A 38 7.99 16.54 -3.04
N SER A 39 8.61 17.69 -3.30
CA SER A 39 9.86 17.72 -4.06
C SER A 39 10.75 16.55 -3.69
N GLY A 40 11.44 16.00 -4.68
CA GLY A 40 12.33 14.88 -4.45
C GLY A 40 13.71 15.08 -5.06
N PRO A 41 14.55 14.03 -5.00
CA PRO A 41 15.91 14.08 -5.54
C PRO A 41 15.92 14.13 -7.07
N SER A 42 17.05 14.54 -7.63
CA SER A 42 17.19 14.63 -9.08
C SER A 42 16.64 13.38 -9.76
N SER A 43 16.96 12.21 -9.19
CA SER A 43 16.51 10.95 -9.75
C SER A 43 15.11 11.08 -10.36
N GLY A 44 14.90 10.43 -11.49
CA GLY A 44 13.61 10.49 -12.16
C GLY A 44 12.52 9.82 -11.35
N GLY A 1 -16.97 -8.98 16.67
CA GLY A 1 -15.64 -8.41 16.61
C GLY A 1 -15.21 -8.08 15.18
N SER A 2 -14.36 -7.07 15.03
CA SER A 2 -13.88 -6.66 13.72
C SER A 2 -12.90 -7.68 13.16
N SER A 3 -11.81 -7.91 13.89
CA SER A 3 -10.79 -8.85 13.47
C SER A 3 -11.41 -10.19 13.11
N GLY A 4 -10.87 -10.83 12.08
CA GLY A 4 -11.38 -12.13 11.64
C GLY A 4 -10.45 -12.83 10.68
N SER A 5 -10.83 -12.84 9.40
CA SER A 5 -10.02 -13.48 8.37
C SER A 5 -8.79 -12.66 8.05
N SER A 6 -7.61 -13.28 8.22
CA SER A 6 -6.35 -12.60 7.96
C SER A 6 -5.23 -13.61 7.72
N GLY A 7 -4.78 -13.71 6.47
CA GLY A 7 -3.71 -14.65 6.15
C GLY A 7 -2.70 -14.05 5.18
N GLU A 8 -1.60 -14.76 4.97
CA GLU A 8 -0.55 -14.29 4.08
C GLU A 8 -1.16 -13.58 2.87
N LYS A 9 -0.68 -12.36 2.62
CA LYS A 9 -1.16 -11.56 1.51
C LYS A 9 -0.07 -11.35 0.47
N PRO A 10 -0.28 -11.88 -0.74
CA PRO A 10 0.69 -11.75 -1.84
C PRO A 10 0.77 -10.33 -2.37
N TYR A 11 0.06 -9.42 -1.73
CA TYR A 11 0.06 -8.02 -2.14
C TYR A 11 0.31 -7.10 -0.95
N SER A 12 1.48 -6.46 -0.92
CA SER A 12 1.84 -5.57 0.16
C SER A 12 2.31 -4.22 -0.39
N CYS A 13 2.32 -3.21 0.48
CA CYS A 13 2.76 -1.87 0.08
C CYS A 13 4.23 -1.65 0.42
N ASN A 14 4.86 -0.74 -0.32
CA ASN A 14 6.28 -0.44 -0.09
C ASN A 14 6.44 0.97 0.45
N GLU A 15 5.68 1.91 -0.09
CA GLU A 15 5.74 3.30 0.35
C GLU A 15 5.66 3.39 1.87
N CYS A 16 4.47 3.17 2.41
CA CYS A 16 4.26 3.24 3.85
C CYS A 16 4.18 1.84 4.45
N GLY A 17 4.02 0.84 3.58
CA GLY A 17 3.92 -0.54 4.04
C GLY A 17 2.50 -0.95 4.36
N LYS A 18 2.08 -2.08 3.81
CA LYS A 18 0.73 -2.58 4.03
C LYS A 18 0.55 -3.96 3.38
N ALA A 19 -0.60 -4.57 3.63
CA ALA A 19 -0.90 -5.88 3.06
C ALA A 19 -2.30 -5.91 2.46
N PHE A 20 -2.50 -6.79 1.47
CA PHE A 20 -3.78 -6.91 0.80
C PHE A 20 -3.93 -8.30 0.17
N THR A 21 -5.13 -8.86 0.26
CA THR A 21 -5.40 -10.17 -0.31
C THR A 21 -5.50 -10.11 -1.83
N PHE A 22 -5.97 -8.97 -2.34
CA PHE A 22 -6.10 -8.78 -3.78
C PHE A 22 -5.32 -7.57 -4.25
N LYS A 23 -4.95 -7.57 -5.53
CA LYS A 23 -4.18 -6.47 -6.10
C LYS A 23 -4.97 -5.17 -6.05
N SER A 24 -6.14 -5.17 -6.67
CA SER A 24 -7.00 -3.98 -6.69
C SER A 24 -6.95 -3.26 -5.34
N GLN A 25 -7.20 -4.00 -4.28
CA GLN A 25 -7.19 -3.43 -2.93
C GLN A 25 -5.90 -2.67 -2.67
N LEU A 26 -4.79 -3.20 -3.17
CA LEU A 26 -3.48 -2.58 -2.99
C LEU A 26 -3.35 -1.36 -3.89
N ILE A 27 -3.91 -1.44 -5.09
CA ILE A 27 -3.86 -0.33 -6.04
C ILE A 27 -4.53 0.91 -5.48
N VAL A 28 -5.63 0.71 -4.76
CA VAL A 28 -6.36 1.82 -4.16
C VAL A 28 -5.56 2.48 -3.04
N HIS A 29 -4.99 1.65 -2.18
CA HIS A 29 -4.19 2.15 -1.06
C HIS A 29 -2.89 2.78 -1.56
N LYS A 30 -2.42 2.30 -2.70
CA LYS A 30 -1.18 2.81 -3.29
C LYS A 30 -1.38 4.22 -3.84
N GLY A 31 -2.60 4.52 -4.27
CA GLY A 31 -2.90 5.83 -4.81
C GLY A 31 -2.52 6.95 -3.86
N VAL A 32 -2.67 6.70 -2.56
CA VAL A 32 -2.34 7.70 -1.55
C VAL A 32 -0.91 8.20 -1.72
N HIS A 33 -0.03 7.33 -2.20
CA HIS A 33 1.37 7.68 -2.41
C HIS A 33 1.58 8.21 -3.82
N THR A 34 1.22 7.41 -4.82
CA THR A 34 1.38 7.80 -6.21
C THR A 34 0.21 8.65 -6.68
N GLY A 35 0.51 9.76 -7.35
CA GLY A 35 -0.52 10.65 -7.84
C GLY A 35 0.03 11.77 -8.69
N VAL A 36 1.14 12.37 -8.25
CA VAL A 36 1.76 13.45 -8.98
C VAL A 36 3.23 13.60 -8.59
N LYS A 37 4.10 13.73 -9.59
CA LYS A 37 5.52 13.88 -9.35
C LYS A 37 6.14 14.87 -10.34
N PRO A 38 7.01 15.75 -9.83
CA PRO A 38 7.69 16.75 -10.66
C PRO A 38 8.71 16.14 -11.61
N SER A 39 8.48 16.33 -12.91
CA SER A 39 9.39 15.78 -13.93
C SER A 39 10.84 16.06 -13.57
N GLY A 40 11.55 15.04 -13.13
CA GLY A 40 12.95 15.19 -12.78
C GLY A 40 13.80 14.04 -13.26
N PRO A 41 15.13 14.25 -13.25
CA PRO A 41 16.09 13.23 -13.70
C PRO A 41 16.18 12.05 -12.74
N SER A 42 15.39 12.12 -11.66
CA SER A 42 15.38 11.06 -10.67
C SER A 42 15.16 9.70 -11.33
N SER A 43 14.02 9.54 -11.99
CA SER A 43 13.69 8.28 -12.65
C SER A 43 13.58 8.49 -14.16
N GLY A 44 13.70 7.39 -14.90
CA GLY A 44 13.61 7.46 -16.36
C GLY A 44 12.27 6.98 -16.88
N GLY A 1 2.37 -9.19 19.67
CA GLY A 1 1.11 -9.06 20.38
C GLY A 1 0.33 -10.37 20.42
N SER A 2 -0.81 -10.38 19.74
CA SER A 2 -1.66 -11.57 19.70
C SER A 2 -1.16 -12.56 18.65
N SER A 3 -0.70 -13.72 19.10
CA SER A 3 -0.19 -14.74 18.20
C SER A 3 -1.32 -15.34 17.35
N GLY A 4 -1.18 -15.21 16.04
CA GLY A 4 -2.19 -15.74 15.14
C GLY A 4 -1.63 -16.09 13.77
N SER A 5 -1.97 -17.28 13.28
CA SER A 5 -1.50 -17.72 11.97
C SER A 5 -2.50 -17.38 10.88
N SER A 6 -2.42 -16.16 10.37
CA SER A 6 -3.32 -15.71 9.31
C SER A 6 -2.67 -15.84 7.94
N GLY A 7 -3.49 -16.14 6.93
CA GLY A 7 -2.98 -16.30 5.58
C GLY A 7 -2.10 -15.14 5.16
N GLU A 8 -1.10 -15.43 4.34
CA GLU A 8 -0.18 -14.41 3.85
C GLU A 8 -0.76 -13.69 2.64
N LYS A 9 -0.63 -12.37 2.62
CA LYS A 9 -1.13 -11.56 1.52
C LYS A 9 -0.05 -11.34 0.47
N PRO A 10 -0.28 -11.86 -0.75
CA PRO A 10 0.66 -11.72 -1.86
C PRO A 10 0.74 -10.29 -2.38
N TYR A 11 0.05 -9.38 -1.72
CA TYR A 11 0.03 -7.97 -2.12
C TYR A 11 0.28 -7.07 -0.92
N SER A 12 1.44 -6.43 -0.90
CA SER A 12 1.81 -5.53 0.19
C SER A 12 2.30 -4.19 -0.35
N CYS A 13 2.23 -3.17 0.49
CA CYS A 13 2.67 -1.83 0.09
C CYS A 13 4.14 -1.62 0.42
N ASN A 14 4.79 -0.75 -0.34
CA ASN A 14 6.21 -0.46 -0.12
C ASN A 14 6.39 0.96 0.42
N GLU A 15 5.64 1.90 -0.13
CA GLU A 15 5.74 3.29 0.31
C GLU A 15 5.68 3.39 1.82
N CYS A 16 4.48 3.19 2.39
CA CYS A 16 4.29 3.26 3.83
C CYS A 16 4.21 1.86 4.43
N GLY A 17 4.02 0.86 3.57
CA GLY A 17 3.93 -0.51 4.04
C GLY A 17 2.50 -0.92 4.36
N LYS A 18 2.09 -2.06 3.82
CA LYS A 18 0.74 -2.56 4.04
C LYS A 18 0.55 -3.94 3.41
N ALA A 19 -0.60 -4.54 3.63
CA ALA A 19 -0.90 -5.85 3.07
C ALA A 19 -2.29 -5.88 2.45
N PHE A 20 -2.50 -6.78 1.50
CA PHE A 20 -3.78 -6.91 0.81
C PHE A 20 -3.91 -8.28 0.16
N THR A 21 -5.12 -8.83 0.18
CA THR A 21 -5.39 -10.13 -0.40
C THR A 21 -5.45 -10.05 -1.92
N PHE A 22 -6.04 -8.98 -2.43
CA PHE A 22 -6.15 -8.79 -3.88
C PHE A 22 -5.37 -7.55 -4.32
N LYS A 23 -4.93 -7.56 -5.57
CA LYS A 23 -4.17 -6.44 -6.12
C LYS A 23 -4.97 -5.15 -6.03
N SER A 24 -6.13 -5.11 -6.69
CA SER A 24 -6.97 -3.93 -6.68
C SER A 24 -6.94 -3.25 -5.32
N GLN A 25 -7.12 -4.04 -4.26
CA GLN A 25 -7.11 -3.52 -2.90
C GLN A 25 -5.84 -2.71 -2.63
N LEU A 26 -4.71 -3.22 -3.11
CA LEU A 26 -3.43 -2.55 -2.92
C LEU A 26 -3.32 -1.32 -3.82
N ILE A 27 -3.86 -1.44 -5.03
CA ILE A 27 -3.83 -0.34 -5.99
C ILE A 27 -4.52 0.90 -5.43
N VAL A 28 -5.63 0.69 -4.73
CA VAL A 28 -6.38 1.79 -4.13
C VAL A 28 -5.59 2.45 -3.02
N HIS A 29 -5.00 1.64 -2.15
CA HIS A 29 -4.21 2.15 -1.03
C HIS A 29 -2.91 2.77 -1.52
N LYS A 30 -2.41 2.29 -2.66
CA LYS A 30 -1.18 2.80 -3.24
C LYS A 30 -1.38 4.21 -3.79
N GLY A 31 -2.59 4.49 -4.29
CA GLY A 31 -2.89 5.79 -4.84
C GLY A 31 -2.54 6.91 -3.89
N VAL A 32 -2.65 6.65 -2.59
CA VAL A 32 -2.34 7.66 -1.58
C VAL A 32 -0.90 8.13 -1.71
N HIS A 33 -0.04 7.27 -2.24
CA HIS A 33 1.37 7.60 -2.42
C HIS A 33 1.63 8.10 -3.84
N THR A 34 1.36 7.26 -4.82
CA THR A 34 1.57 7.61 -6.22
C THR A 34 0.63 8.73 -6.65
N GLY A 35 1.01 9.97 -6.39
CA GLY A 35 0.19 11.10 -6.75
C GLY A 35 0.28 12.23 -5.75
N VAL A 36 -0.47 12.11 -4.66
CA VAL A 36 -0.47 13.14 -3.63
C VAL A 36 0.88 13.22 -2.92
N LYS A 37 1.32 14.43 -2.61
CA LYS A 37 2.60 14.64 -1.94
C LYS A 37 2.43 15.56 -0.73
N PRO A 38 3.20 15.27 0.34
CA PRO A 38 3.15 16.06 1.57
C PRO A 38 3.75 17.45 1.39
N SER A 39 3.99 18.14 2.50
CA SER A 39 4.56 19.47 2.47
C SER A 39 6.08 19.43 2.46
N GLY A 40 6.63 18.64 1.52
CA GLY A 40 8.07 18.52 1.42
C GLY A 40 8.52 17.07 1.39
N PRO A 41 9.68 16.83 0.75
CA PRO A 41 10.25 15.49 0.63
C PRO A 41 10.77 14.95 1.97
N SER A 42 11.39 13.78 1.93
CA SER A 42 11.92 13.17 3.13
C SER A 42 12.96 14.07 3.80
N SER A 43 13.43 13.66 4.97
CA SER A 43 14.42 14.44 5.71
C SER A 43 15.73 13.67 5.85
N GLY A 44 16.59 13.78 4.84
CA GLY A 44 17.86 13.08 4.88
C GLY A 44 19.00 13.93 4.37
N GLY A 1 4.85 -6.90 17.10
CA GLY A 1 3.42 -6.91 17.34
C GLY A 1 2.66 -7.63 16.26
N SER A 2 2.16 -8.82 16.58
CA SER A 2 1.40 -9.63 15.63
C SER A 2 0.10 -10.12 16.24
N SER A 3 -1.00 -9.47 15.87
CA SER A 3 -2.31 -9.84 16.39
C SER A 3 -3.11 -10.61 15.33
N GLY A 4 -3.21 -10.04 14.14
CA GLY A 4 -3.95 -10.70 13.07
C GLY A 4 -3.05 -11.50 12.16
N SER A 5 -2.83 -10.99 10.95
CA SER A 5 -1.98 -11.66 9.97
C SER A 5 -2.29 -13.15 9.93
N SER A 6 -3.57 -13.49 10.01
CA SER A 6 -4.00 -14.89 10.00
C SER A 6 -3.52 -15.58 8.72
N GLY A 7 -3.64 -14.89 7.60
CA GLY A 7 -3.22 -15.45 6.32
C GLY A 7 -2.17 -14.60 5.63
N GLU A 8 -1.50 -15.18 4.64
CA GLU A 8 -0.46 -14.46 3.90
C GLU A 8 -1.07 -13.70 2.72
N LYS A 9 -0.67 -12.45 2.58
CA LYS A 9 -1.16 -11.60 1.50
C LYS A 9 -0.09 -11.39 0.43
N PRO A 10 -0.34 -11.90 -0.77
CA PRO A 10 0.59 -11.78 -1.90
C PRO A 10 0.69 -10.35 -2.41
N TYR A 11 0.03 -9.42 -1.73
CA TYR A 11 0.04 -8.02 -2.11
C TYR A 11 0.32 -7.12 -0.91
N SER A 12 1.51 -6.54 -0.88
CA SER A 12 1.90 -5.66 0.22
C SER A 12 2.50 -4.36 -0.31
N CYS A 13 2.30 -3.27 0.44
CA CYS A 13 2.83 -1.97 0.04
C CYS A 13 4.31 -1.86 0.38
N ASN A 14 4.98 -0.90 -0.24
CA ASN A 14 6.41 -0.69 -0.01
C ASN A 14 6.67 0.74 0.45
N GLU A 15 5.82 1.67 0.02
CA GLU A 15 5.97 3.07 0.38
C GLU A 15 5.75 3.27 1.89
N CYS A 16 4.51 3.13 2.32
CA CYS A 16 4.17 3.29 3.74
C CYS A 16 4.09 1.93 4.43
N GLY A 17 4.02 0.87 3.64
CA GLY A 17 3.94 -0.47 4.19
C GLY A 17 2.50 -0.89 4.48
N LYS A 18 2.10 -2.01 3.91
CA LYS A 18 0.74 -2.52 4.12
C LYS A 18 0.57 -3.88 3.44
N ALA A 19 -0.58 -4.51 3.67
CA ALA A 19 -0.88 -5.81 3.09
C ALA A 19 -2.25 -5.82 2.44
N PHE A 20 -2.45 -6.73 1.50
CA PHE A 20 -3.72 -6.85 0.79
C PHE A 20 -3.88 -8.24 0.19
N THR A 21 -5.10 -8.77 0.26
CA THR A 21 -5.40 -10.09 -0.27
C THR A 21 -5.47 -10.06 -1.79
N PHE A 22 -5.91 -8.93 -2.35
CA PHE A 22 -6.03 -8.79 -3.79
C PHE A 22 -5.23 -7.58 -4.28
N LYS A 23 -4.96 -7.55 -5.58
CA LYS A 23 -4.20 -6.45 -6.17
C LYS A 23 -4.98 -5.14 -6.11
N SER A 24 -6.18 -5.14 -6.67
CA SER A 24 -7.03 -3.96 -6.68
C SER A 24 -6.96 -3.24 -5.33
N GLN A 25 -7.26 -3.98 -4.27
CA GLN A 25 -7.24 -3.41 -2.92
C GLN A 25 -5.93 -2.67 -2.67
N LEU A 26 -4.84 -3.20 -3.22
CA LEU A 26 -3.52 -2.58 -3.05
C LEU A 26 -3.38 -1.35 -3.93
N ILE A 27 -3.95 -1.42 -5.14
CA ILE A 27 -3.89 -0.30 -6.07
C ILE A 27 -4.56 0.94 -5.50
N VAL A 28 -5.70 0.75 -4.84
CA VAL A 28 -6.43 1.85 -4.24
C VAL A 28 -5.63 2.49 -3.11
N HIS A 29 -5.01 1.65 -2.29
CA HIS A 29 -4.22 2.12 -1.15
C HIS A 29 -2.92 2.77 -1.64
N LYS A 30 -2.41 2.29 -2.76
CA LYS A 30 -1.18 2.82 -3.33
C LYS A 30 -1.40 4.22 -3.88
N GLY A 31 -2.64 4.54 -4.23
CA GLY A 31 -2.96 5.85 -4.77
C GLY A 31 -2.61 6.96 -3.81
N VAL A 32 -2.78 6.70 -2.51
CA VAL A 32 -2.47 7.70 -1.49
C VAL A 32 -1.05 8.24 -1.65
N HIS A 33 -0.18 7.41 -2.23
CA HIS A 33 1.21 7.81 -2.44
C HIS A 33 1.40 8.39 -3.83
N THR A 34 0.90 7.69 -4.84
CA THR A 34 1.02 8.13 -6.23
C THR A 34 0.74 9.62 -6.35
N GLY A 35 1.27 10.23 -7.40
CA GLY A 35 1.06 11.66 -7.61
C GLY A 35 1.54 12.12 -8.98
N VAL A 36 2.73 12.70 -9.02
CA VAL A 36 3.30 13.19 -10.27
C VAL A 36 3.03 12.22 -11.41
N LYS A 37 2.87 12.76 -12.61
CA LYS A 37 2.61 11.94 -13.79
C LYS A 37 3.61 12.24 -14.90
N PRO A 38 4.71 11.48 -14.93
CA PRO A 38 5.76 11.65 -15.93
C PRO A 38 5.31 11.23 -17.33
N SER A 39 5.73 11.98 -18.34
CA SER A 39 5.36 11.68 -19.72
C SER A 39 5.90 10.32 -20.14
N GLY A 40 5.06 9.54 -20.81
CA GLY A 40 5.47 8.22 -21.26
C GLY A 40 4.65 7.73 -22.44
N PRO A 41 4.95 8.26 -23.64
CA PRO A 41 4.25 7.89 -24.87
C PRO A 41 4.57 6.46 -25.31
N SER A 42 3.72 5.53 -24.92
CA SER A 42 3.92 4.13 -25.28
C SER A 42 3.14 3.77 -26.54
N SER A 43 3.57 2.71 -27.21
CA SER A 43 2.93 2.27 -28.44
C SER A 43 2.79 3.42 -29.43
N GLY A 44 3.86 4.19 -29.60
CA GLY A 44 3.85 5.31 -30.51
C GLY A 44 3.56 6.63 -29.81
N GLY A 1 -17.65 -10.74 -2.06
CA GLY A 1 -16.54 -11.39 -1.38
C GLY A 1 -16.63 -11.23 0.12
N SER A 2 -16.30 -12.30 0.84
CA SER A 2 -16.34 -12.28 2.30
C SER A 2 -14.94 -12.35 2.89
N SER A 3 -14.75 -11.72 4.05
CA SER A 3 -13.45 -11.70 4.71
C SER A 3 -13.59 -12.11 6.17
N GLY A 4 -12.47 -12.54 6.76
CA GLY A 4 -12.48 -12.95 8.16
C GLY A 4 -11.16 -13.55 8.60
N SER A 5 -10.69 -14.54 7.85
CA SER A 5 -9.42 -15.20 8.17
C SER A 5 -8.51 -15.24 6.95
N SER A 6 -7.36 -14.58 7.05
CA SER A 6 -6.40 -14.55 5.96
C SER A 6 -5.02 -14.98 6.43
N GLY A 7 -4.21 -15.49 5.50
CA GLY A 7 -2.88 -15.94 5.85
C GLY A 7 -1.80 -14.96 5.39
N GLU A 8 -1.16 -15.28 4.26
CA GLU A 8 -0.12 -14.43 3.72
C GLU A 8 -0.60 -13.67 2.50
N LYS A 9 -0.70 -12.35 2.62
CA LYS A 9 -1.15 -11.51 1.52
C LYS A 9 -0.04 -11.28 0.50
N PRO A 10 -0.24 -11.82 -0.71
CA PRO A 10 0.73 -11.68 -1.80
C PRO A 10 0.83 -10.26 -2.33
N TYR A 11 0.11 -9.35 -1.69
CA TYR A 11 0.10 -7.95 -2.09
C TYR A 11 0.35 -7.03 -0.90
N SER A 12 1.51 -6.39 -0.87
CA SER A 12 1.86 -5.49 0.21
C SER A 12 2.35 -4.15 -0.33
N CYS A 13 2.28 -3.12 0.51
CA CYS A 13 2.71 -1.78 0.12
C CYS A 13 4.21 -1.60 0.39
N ASN A 14 4.89 -0.89 -0.51
CA ASN A 14 6.31 -0.65 -0.36
C ASN A 14 6.58 0.81 0.01
N GLU A 15 5.54 1.64 -0.08
CA GLU A 15 5.66 3.05 0.25
C GLU A 15 5.49 3.27 1.75
N CYS A 16 4.26 3.07 2.24
CA CYS A 16 3.95 3.25 3.65
C CYS A 16 3.98 1.91 4.38
N GLY A 17 3.92 0.82 3.62
CA GLY A 17 3.94 -0.50 4.21
C GLY A 17 2.55 -0.99 4.59
N LYS A 18 2.12 -2.09 3.98
CA LYS A 18 0.81 -2.65 4.25
C LYS A 18 0.62 -3.98 3.52
N ALA A 19 -0.49 -4.66 3.79
CA ALA A 19 -0.79 -5.92 3.16
C ALA A 19 -2.17 -5.91 2.52
N PHE A 20 -2.38 -6.79 1.55
CA PHE A 20 -3.67 -6.88 0.85
C PHE A 20 -3.83 -8.24 0.20
N THR A 21 -5.05 -8.79 0.28
CA THR A 21 -5.35 -10.09 -0.30
C THR A 21 -5.43 -10.00 -1.82
N PHE A 22 -6.03 -8.91 -2.31
CA PHE A 22 -6.18 -8.71 -3.74
C PHE A 22 -5.37 -7.50 -4.22
N LYS A 23 -4.95 -7.53 -5.47
CA LYS A 23 -4.18 -6.44 -6.05
C LYS A 23 -4.97 -5.13 -6.02
N SER A 24 -6.14 -5.14 -6.65
CA SER A 24 -6.98 -3.97 -6.71
C SER A 24 -6.95 -3.21 -5.38
N GLN A 25 -7.16 -3.93 -4.29
CA GLN A 25 -7.16 -3.32 -2.96
C GLN A 25 -5.85 -2.57 -2.72
N LEU A 26 -4.75 -3.13 -3.20
CA LEU A 26 -3.44 -2.52 -3.03
C LEU A 26 -3.29 -1.29 -3.93
N ILE A 27 -3.85 -1.39 -5.13
CA ILE A 27 -3.78 -0.29 -6.09
C ILE A 27 -4.45 0.97 -5.54
N VAL A 28 -5.60 0.78 -4.89
CA VAL A 28 -6.33 1.89 -4.31
C VAL A 28 -5.57 2.51 -3.14
N HIS A 29 -5.02 1.65 -2.28
CA HIS A 29 -4.26 2.11 -1.13
C HIS A 29 -2.93 2.72 -1.55
N LYS A 30 -2.43 2.28 -2.70
CA LYS A 30 -1.16 2.79 -3.23
C LYS A 30 -1.33 4.20 -3.78
N GLY A 31 -2.50 4.47 -4.35
CA GLY A 31 -2.76 5.78 -4.92
C GLY A 31 -2.52 6.91 -3.93
N VAL A 32 -2.72 6.60 -2.64
CA VAL A 32 -2.53 7.60 -1.59
C VAL A 32 -1.09 8.12 -1.59
N HIS A 33 -0.17 7.30 -2.07
CA HIS A 33 1.24 7.68 -2.13
C HIS A 33 1.60 8.19 -3.52
N THR A 34 1.29 7.39 -4.54
CA THR A 34 1.59 7.76 -5.92
C THR A 34 1.32 9.25 -6.16
N GLY A 35 2.36 9.97 -6.55
CA GLY A 35 2.23 11.39 -6.81
C GLY A 35 3.54 12.14 -6.67
N VAL A 36 3.50 13.44 -6.93
CA VAL A 36 4.70 14.27 -6.83
C VAL A 36 4.36 15.75 -7.00
N LYS A 37 5.15 16.61 -6.37
CA LYS A 37 4.93 18.05 -6.45
C LYS A 37 6.21 18.81 -6.10
N PRO A 38 6.55 19.80 -6.94
CA PRO A 38 7.75 20.63 -6.74
C PRO A 38 7.62 21.55 -5.54
N SER A 39 6.40 22.00 -5.26
CA SER A 39 6.14 22.88 -4.14
C SER A 39 6.29 22.15 -2.81
N GLY A 40 5.55 21.05 -2.68
CA GLY A 40 5.61 20.27 -1.45
C GLY A 40 4.86 20.92 -0.31
N PRO A 41 5.23 20.55 0.93
CA PRO A 41 4.58 21.10 2.14
C PRO A 41 4.93 22.56 2.36
N SER A 42 3.96 23.32 2.86
CA SER A 42 4.16 24.74 3.12
C SER A 42 3.30 25.20 4.30
N SER A 43 3.81 26.16 5.06
CA SER A 43 3.09 26.68 6.22
C SER A 43 2.63 28.12 5.96
N GLY A 44 1.58 28.53 6.66
CA GLY A 44 1.06 29.88 6.50
C GLY A 44 1.27 30.73 7.74
N GLY A 1 -4.39 -12.48 20.99
CA GLY A 1 -3.75 -13.64 20.40
C GLY A 1 -4.56 -14.24 19.27
N SER A 2 -3.88 -14.60 18.19
CA SER A 2 -4.56 -15.19 17.03
C SER A 2 -5.92 -14.53 16.79
N SER A 3 -5.94 -13.21 16.93
CA SER A 3 -7.18 -12.45 16.73
C SER A 3 -7.46 -12.25 15.24
N GLY A 4 -6.43 -11.90 14.50
CA GLY A 4 -6.58 -11.67 13.07
C GLY A 4 -5.26 -11.41 12.37
N SER A 5 -5.32 -10.74 11.23
CA SER A 5 -4.12 -10.42 10.47
C SER A 5 -3.13 -11.58 10.52
N SER A 6 -3.63 -12.80 10.36
CA SER A 6 -2.78 -13.98 10.40
C SER A 6 -2.85 -14.74 9.07
N GLY A 7 -2.81 -13.99 7.97
CA GLY A 7 -2.87 -14.60 6.66
C GLY A 7 -1.85 -14.03 5.70
N GLU A 8 -1.37 -14.86 4.78
CA GLU A 8 -0.37 -14.41 3.80
C GLU A 8 -1.04 -13.61 2.68
N LYS A 9 -0.48 -12.44 2.39
CA LYS A 9 -1.00 -11.59 1.34
C LYS A 9 0.04 -11.33 0.25
N PRO A 10 -0.23 -11.82 -0.96
CA PRO A 10 0.67 -11.66 -2.10
C PRO A 10 0.74 -10.22 -2.58
N TYR A 11 0.07 -9.32 -1.87
CA TYR A 11 0.06 -7.91 -2.22
C TYR A 11 0.33 -7.03 -1.01
N SER A 12 1.51 -6.44 -0.96
CA SER A 12 1.90 -5.59 0.15
C SER A 12 2.45 -4.26 -0.35
N CYS A 13 2.27 -3.21 0.45
CA CYS A 13 2.75 -1.88 0.09
C CYS A 13 4.23 -1.72 0.40
N ASN A 14 4.88 -0.76 -0.24
CA ASN A 14 6.29 -0.51 -0.02
C ASN A 14 6.53 0.91 0.49
N GLU A 15 5.72 1.84 0.00
CA GLU A 15 5.83 3.24 0.40
C GLU A 15 5.70 3.38 1.92
N CYS A 16 4.49 3.21 2.42
CA CYS A 16 4.22 3.33 3.85
C CYS A 16 4.15 1.94 4.50
N GLY A 17 4.03 0.92 3.67
CA GLY A 17 3.94 -0.44 4.18
C GLY A 17 2.52 -0.87 4.47
N LYS A 18 2.11 -1.99 3.90
CA LYS A 18 0.76 -2.51 4.10
C LYS A 18 0.60 -3.88 3.44
N ALA A 19 -0.55 -4.51 3.66
CA ALA A 19 -0.83 -5.81 3.07
C ALA A 19 -2.24 -5.86 2.47
N PHE A 20 -2.42 -6.73 1.49
CA PHE A 20 -3.71 -6.87 0.83
C PHE A 20 -3.84 -8.25 0.17
N THR A 21 -5.06 -8.79 0.18
CA THR A 21 -5.33 -10.10 -0.41
C THR A 21 -5.42 -10.00 -1.93
N PHE A 22 -6.10 -8.96 -2.40
CA PHE A 22 -6.28 -8.76 -3.84
C PHE A 22 -5.40 -7.61 -4.33
N LYS A 23 -5.20 -7.57 -5.65
CA LYS A 23 -4.38 -6.52 -6.25
C LYS A 23 -5.08 -5.17 -6.18
N SER A 24 -6.26 -5.08 -6.78
CA SER A 24 -7.04 -3.85 -6.78
C SER A 24 -6.99 -3.18 -5.41
N GLN A 25 -7.14 -3.98 -4.35
CA GLN A 25 -7.12 -3.46 -2.99
C GLN A 25 -5.81 -2.73 -2.71
N LEU A 26 -4.71 -3.26 -3.26
CA LEU A 26 -3.40 -2.66 -3.07
C LEU A 26 -3.26 -1.39 -3.90
N ILE A 27 -3.93 -1.36 -5.05
CA ILE A 27 -3.87 -0.20 -5.93
C ILE A 27 -4.60 0.99 -5.33
N VAL A 28 -5.69 0.71 -4.62
CA VAL A 28 -6.48 1.76 -3.99
C VAL A 28 -5.70 2.43 -2.86
N HIS A 29 -4.99 1.63 -2.07
CA HIS A 29 -4.20 2.15 -0.97
C HIS A 29 -2.90 2.78 -1.48
N LYS A 30 -2.39 2.25 -2.59
CA LYS A 30 -1.15 2.75 -3.18
C LYS A 30 -1.37 4.14 -3.80
N GLY A 31 -2.57 4.37 -4.29
CA GLY A 31 -2.88 5.66 -4.91
C GLY A 31 -2.58 6.82 -3.99
N VAL A 32 -2.66 6.57 -2.69
CA VAL A 32 -2.40 7.61 -1.70
C VAL A 32 -0.97 8.13 -1.81
N HIS A 33 -0.07 7.28 -2.30
CA HIS A 33 1.32 7.65 -2.46
C HIS A 33 1.61 8.10 -3.89
N THR A 34 1.43 7.19 -4.85
CA THR A 34 1.67 7.49 -6.25
C THR A 34 0.71 8.57 -6.75
N GLY A 35 1.18 9.38 -7.69
CA GLY A 35 0.35 10.45 -8.23
C GLY A 35 0.07 11.54 -7.22
N VAL A 36 1.10 11.91 -6.47
CA VAL A 36 0.96 12.96 -5.46
C VAL A 36 2.27 13.71 -5.26
N LYS A 37 2.23 15.02 -5.48
CA LYS A 37 3.41 15.85 -5.33
C LYS A 37 3.24 16.83 -4.16
N PRO A 38 3.60 16.38 -2.95
CA PRO A 38 3.51 17.18 -1.74
C PRO A 38 4.51 18.32 -1.71
N SER A 39 4.49 19.11 -0.65
CA SER A 39 5.41 20.24 -0.50
C SER A 39 6.60 19.87 0.36
N GLY A 40 7.77 19.76 -0.26
CA GLY A 40 8.98 19.40 0.46
C GLY A 40 10.11 19.03 -0.46
N PRO A 41 10.13 17.77 -0.91
CA PRO A 41 11.18 17.26 -1.82
C PRO A 41 11.08 17.86 -3.21
N SER A 42 12.15 18.51 -3.64
CA SER A 42 12.18 19.14 -4.96
C SER A 42 12.70 18.16 -6.01
N SER A 43 11.80 17.33 -6.52
CA SER A 43 12.16 16.35 -7.53
C SER A 43 13.55 15.75 -7.25
N GLY A 44 13.81 15.48 -5.97
CA GLY A 44 15.08 14.91 -5.58
C GLY A 44 15.56 13.83 -6.54
N GLY A 1 -9.17 -14.09 22.30
CA GLY A 1 -9.57 -15.36 21.73
C GLY A 1 -9.41 -15.40 20.23
N SER A 2 -8.35 -16.06 19.76
CA SER A 2 -8.07 -16.17 18.34
C SER A 2 -7.19 -17.38 18.04
N SER A 3 -7.37 -17.96 16.86
CA SER A 3 -6.59 -19.12 16.46
C SER A 3 -6.56 -19.26 14.94
N GLY A 4 -5.37 -19.14 14.36
CA GLY A 4 -5.23 -19.25 12.92
C GLY A 4 -6.07 -18.23 12.17
N SER A 5 -6.48 -18.58 10.97
CA SER A 5 -7.29 -17.68 10.14
C SER A 5 -6.55 -16.38 9.86
N SER A 6 -5.26 -16.49 9.59
CA SER A 6 -4.43 -15.32 9.31
C SER A 6 -3.93 -15.34 7.87
N GLY A 7 -3.21 -16.40 7.51
CA GLY A 7 -2.68 -16.52 6.17
C GLY A 7 -1.74 -15.40 5.81
N GLU A 8 -1.24 -15.40 4.58
CA GLU A 8 -0.32 -14.38 4.11
C GLU A 8 -0.86 -13.66 2.88
N LYS A 9 -0.65 -12.35 2.82
CA LYS A 9 -1.13 -11.56 1.70
C LYS A 9 -0.04 -11.39 0.65
N PRO A 10 -0.28 -11.94 -0.55
CA PRO A 10 0.67 -11.86 -1.66
C PRO A 10 0.80 -10.45 -2.22
N TYR A 11 0.13 -9.50 -1.58
CA TYR A 11 0.17 -8.11 -2.01
C TYR A 11 0.40 -7.17 -0.83
N SER A 12 1.60 -6.60 -0.77
CA SER A 12 1.97 -5.69 0.31
C SER A 12 2.52 -4.38 -0.24
N CYS A 13 2.26 -3.29 0.48
CA CYS A 13 2.73 -1.98 0.07
C CYS A 13 4.21 -1.80 0.36
N ASN A 14 4.83 -0.82 -0.28
CA ASN A 14 6.25 -0.55 -0.09
C ASN A 14 6.47 0.89 0.40
N GLU A 15 5.62 1.79 -0.06
CA GLU A 15 5.72 3.19 0.34
C GLU A 15 5.63 3.34 1.85
N CYS A 16 4.41 3.16 2.38
CA CYS A 16 4.19 3.28 3.82
C CYS A 16 4.15 1.90 4.47
N GLY A 17 3.96 0.86 3.66
CA GLY A 17 3.91 -0.49 4.18
C GLY A 17 2.50 -0.93 4.51
N LYS A 18 2.08 -2.05 3.93
CA LYS A 18 0.74 -2.59 4.17
C LYS A 18 0.56 -3.94 3.49
N ALA A 19 -0.58 -4.58 3.74
CA ALA A 19 -0.87 -5.87 3.15
C ALA A 19 -2.22 -5.87 2.45
N PHE A 20 -2.40 -6.78 1.50
CA PHE A 20 -3.65 -6.88 0.76
C PHE A 20 -3.81 -8.27 0.15
N THR A 21 -5.05 -8.76 0.12
CA THR A 21 -5.35 -10.08 -0.42
C THR A 21 -5.43 -10.03 -1.95
N PHE A 22 -5.95 -8.92 -2.47
CA PHE A 22 -6.09 -8.76 -3.91
C PHE A 22 -5.36 -7.50 -4.38
N LYS A 23 -4.88 -7.53 -5.62
CA LYS A 23 -4.17 -6.40 -6.19
C LYS A 23 -4.97 -5.11 -6.06
N SER A 24 -6.15 -5.10 -6.68
CA SER A 24 -7.02 -3.93 -6.62
C SER A 24 -6.90 -3.22 -5.28
N GLN A 25 -7.22 -3.94 -4.21
CA GLN A 25 -7.15 -3.38 -2.86
C GLN A 25 -5.83 -2.64 -2.65
N LEU A 26 -4.75 -3.22 -3.16
CA LEU A 26 -3.42 -2.62 -3.03
C LEU A 26 -3.30 -1.38 -3.92
N ILE A 27 -4.05 -1.37 -5.01
CA ILE A 27 -4.02 -0.25 -5.94
C ILE A 27 -4.67 0.99 -5.33
N VAL A 28 -5.82 0.80 -4.70
CA VAL A 28 -6.54 1.90 -4.07
C VAL A 28 -5.70 2.53 -2.95
N HIS A 29 -4.99 1.70 -2.20
CA HIS A 29 -4.16 2.17 -1.11
C HIS A 29 -2.87 2.79 -1.64
N LYS A 30 -2.35 2.24 -2.74
CA LYS A 30 -1.13 2.74 -3.34
C LYS A 30 -1.35 4.13 -3.94
N GLY A 31 -2.60 4.45 -4.23
CA GLY A 31 -2.93 5.74 -4.80
C GLY A 31 -2.53 6.89 -3.89
N VAL A 32 -2.70 6.70 -2.58
CA VAL A 32 -2.35 7.73 -1.61
C VAL A 32 -0.93 8.23 -1.83
N HIS A 33 -0.07 7.35 -2.33
CA HIS A 33 1.33 7.70 -2.58
C HIS A 33 1.51 8.20 -4.01
N THR A 34 1.20 7.33 -4.97
CA THR A 34 1.34 7.69 -6.38
C THR A 34 0.23 8.61 -6.83
N GLY A 35 0.40 9.91 -6.58
CA GLY A 35 -0.60 10.88 -6.96
C GLY A 35 0.01 12.21 -7.39
N VAL A 36 -0.37 13.29 -6.71
CA VAL A 36 0.14 14.61 -7.02
C VAL A 36 1.54 14.80 -6.45
N LYS A 37 2.49 14.01 -6.95
CA LYS A 37 3.87 14.09 -6.49
C LYS A 37 4.82 14.28 -7.68
N PRO A 38 5.84 15.14 -7.49
CA PRO A 38 6.84 15.43 -8.52
C PRO A 38 7.76 14.25 -8.79
N SER A 39 8.07 13.50 -7.74
CA SER A 39 8.93 12.34 -7.86
C SER A 39 8.13 11.07 -8.14
N GLY A 40 8.83 9.97 -8.39
CA GLY A 40 8.15 8.71 -8.67
C GLY A 40 7.61 8.65 -10.08
N PRO A 41 6.62 7.77 -10.29
CA PRO A 41 5.97 7.60 -11.59
C PRO A 41 5.13 8.80 -12.00
N SER A 42 4.55 8.74 -13.19
CA SER A 42 3.72 9.83 -13.69
C SER A 42 2.26 9.66 -13.24
N SER A 43 1.46 10.68 -13.46
CA SER A 43 0.05 10.64 -13.08
C SER A 43 -0.85 10.63 -14.31
N GLY A 44 -0.24 10.43 -15.48
CA GLY A 44 -1.00 10.40 -16.72
C GLY A 44 -2.02 11.53 -16.80
N GLY A 1 5.28 -6.72 22.14
CA GLY A 1 4.39 -7.87 22.18
C GLY A 1 4.64 -8.83 21.04
N SER A 2 4.02 -10.01 21.12
CA SER A 2 4.18 -11.02 20.09
C SER A 2 2.91 -11.15 19.25
N SER A 3 2.78 -10.29 18.24
CA SER A 3 1.62 -10.31 17.36
C SER A 3 1.99 -10.79 15.96
N GLY A 4 2.03 -12.10 15.79
CA GLY A 4 2.38 -12.67 14.50
C GLY A 4 1.26 -12.51 13.48
N SER A 5 1.30 -13.33 12.43
CA SER A 5 0.29 -13.26 11.38
C SER A 5 -0.48 -14.58 11.30
N SER A 6 -1.53 -14.59 10.49
CA SER A 6 -2.36 -15.78 10.32
C SER A 6 -2.44 -16.18 8.85
N GLY A 7 -2.61 -15.20 7.98
CA GLY A 7 -2.70 -15.47 6.55
C GLY A 7 -1.57 -14.84 5.77
N GLU A 8 -1.58 -15.04 4.46
CA GLU A 8 -0.54 -14.48 3.60
C GLU A 8 -1.16 -13.66 2.47
N LYS A 9 -0.61 -12.47 2.25
CA LYS A 9 -1.11 -11.59 1.20
C LYS A 9 -0.03 -11.34 0.14
N PRO A 10 -0.29 -11.81 -1.09
CA PRO A 10 0.64 -11.65 -2.21
C PRO A 10 0.74 -10.21 -2.68
N TYR A 11 0.08 -9.32 -1.96
CA TYR A 11 0.10 -7.89 -2.30
C TYR A 11 0.35 -7.04 -1.07
N SER A 12 1.53 -6.43 -1.01
CA SER A 12 1.90 -5.59 0.12
C SER A 12 2.46 -4.25 -0.36
N CYS A 13 2.12 -3.18 0.35
CA CYS A 13 2.59 -1.84 0.00
C CYS A 13 4.09 -1.72 0.25
N ASN A 14 4.71 -0.71 -0.37
CA ASN A 14 6.13 -0.47 -0.21
C ASN A 14 6.40 0.94 0.32
N GLU A 15 5.55 1.88 -0.09
CA GLU A 15 5.69 3.26 0.34
C GLU A 15 5.60 3.38 1.86
N CYS A 16 4.39 3.22 2.38
CA CYS A 16 4.16 3.30 3.82
C CYS A 16 4.13 1.92 4.45
N GLY A 17 4.00 0.90 3.61
CA GLY A 17 3.96 -0.47 4.11
C GLY A 17 2.55 -0.92 4.45
N LYS A 18 2.12 -2.03 3.84
CA LYS A 18 0.79 -2.56 4.09
C LYS A 18 0.61 -3.90 3.37
N ALA A 19 -0.51 -4.56 3.65
CA ALA A 19 -0.80 -5.86 3.04
C ALA A 19 -2.21 -5.87 2.45
N PHE A 20 -2.41 -6.72 1.44
CA PHE A 20 -3.71 -6.83 0.78
C PHE A 20 -3.88 -8.20 0.13
N THR A 21 -5.07 -8.77 0.27
CA THR A 21 -5.36 -10.07 -0.30
C THR A 21 -5.57 -9.98 -1.81
N PHE A 22 -6.15 -8.87 -2.26
CA PHE A 22 -6.41 -8.66 -3.68
C PHE A 22 -5.58 -7.50 -4.21
N LYS A 23 -5.14 -7.61 -5.46
CA LYS A 23 -4.34 -6.57 -6.09
C LYS A 23 -5.07 -5.23 -6.05
N SER A 24 -6.23 -5.16 -6.69
CA SER A 24 -7.02 -3.93 -6.73
C SER A 24 -7.02 -3.25 -5.36
N GLN A 25 -7.20 -4.04 -4.31
CA GLN A 25 -7.23 -3.52 -2.95
C GLN A 25 -5.93 -2.77 -2.64
N LEU A 26 -4.81 -3.29 -3.13
CA LEU A 26 -3.51 -2.67 -2.91
C LEU A 26 -3.34 -1.43 -3.78
N ILE A 27 -3.65 -1.58 -5.06
CA ILE A 27 -3.52 -0.47 -6.00
C ILE A 27 -4.23 0.77 -5.48
N VAL A 28 -5.41 0.59 -4.91
CA VAL A 28 -6.18 1.70 -4.37
C VAL A 28 -5.44 2.37 -3.22
N HIS A 29 -4.88 1.56 -2.33
CA HIS A 29 -4.14 2.07 -1.18
C HIS A 29 -2.83 2.71 -1.62
N LYS A 30 -2.31 2.26 -2.76
CA LYS A 30 -1.06 2.79 -3.28
C LYS A 30 -1.25 4.21 -3.81
N GLY A 31 -2.47 4.52 -4.26
CA GLY A 31 -2.75 5.85 -4.77
C GLY A 31 -2.45 6.94 -3.76
N VAL A 32 -2.71 6.66 -2.49
CA VAL A 32 -2.45 7.62 -1.43
C VAL A 32 -1.05 8.22 -1.54
N HIS A 33 -0.12 7.42 -2.05
CA HIS A 33 1.26 7.86 -2.22
C HIS A 33 1.47 8.48 -3.59
N THR A 34 0.95 7.82 -4.62
CA THR A 34 1.09 8.30 -5.99
C THR A 34 0.78 9.78 -6.09
N GLY A 35 1.64 10.52 -6.78
CA GLY A 35 1.44 11.95 -6.93
C GLY A 35 2.69 12.67 -7.40
N VAL A 36 3.21 12.26 -8.56
CA VAL A 36 4.41 12.87 -9.11
C VAL A 36 4.08 14.15 -9.86
N LYS A 37 4.94 15.15 -9.73
CA LYS A 37 4.75 16.43 -10.39
C LYS A 37 6.08 17.16 -10.56
N PRO A 38 6.29 17.73 -11.75
CA PRO A 38 7.51 18.47 -12.07
C PRO A 38 7.60 19.79 -11.31
N SER A 39 6.57 20.11 -10.54
CA SER A 39 6.53 21.34 -9.77
C SER A 39 7.93 21.72 -9.28
N GLY A 40 8.55 20.82 -8.53
CA GLY A 40 9.88 21.08 -8.01
C GLY A 40 9.88 21.33 -6.51
N PRO A 41 11.07 21.27 -5.91
CA PRO A 41 11.24 21.50 -4.46
C PRO A 41 11.00 22.96 -4.08
N SER A 42 9.75 23.30 -3.81
CA SER A 42 9.39 24.66 -3.43
C SER A 42 9.27 24.79 -1.91
N SER A 43 10.40 25.07 -1.26
CA SER A 43 10.42 25.22 0.19
C SER A 43 11.80 25.67 0.67
N GLY A 44 11.84 26.22 1.87
CA GLY A 44 13.11 26.69 2.42
C GLY A 44 12.95 27.92 3.30
N GLY A 1 -13.17 -8.43 17.15
CA GLY A 1 -13.00 -9.81 17.60
C GLY A 1 -12.32 -10.68 16.57
N SER A 2 -11.19 -10.22 16.06
CA SER A 2 -10.44 -10.98 15.06
C SER A 2 -9.84 -12.23 15.66
N SER A 3 -9.89 -13.33 14.90
CA SER A 3 -9.34 -14.60 15.36
C SER A 3 -8.05 -14.95 14.63
N GLY A 4 -6.96 -14.34 15.07
CA GLY A 4 -5.67 -14.59 14.44
C GLY A 4 -5.69 -14.30 12.96
N SER A 5 -4.49 -14.19 12.37
CA SER A 5 -4.38 -13.89 10.94
C SER A 5 -3.80 -15.09 10.19
N SER A 6 -4.67 -15.98 9.75
CA SER A 6 -4.25 -17.18 9.02
C SER A 6 -4.19 -16.90 7.52
N GLY A 7 -2.98 -16.81 6.98
CA GLY A 7 -2.82 -16.56 5.56
C GLY A 7 -1.99 -15.32 5.29
N GLU A 8 -1.01 -15.45 4.39
CA GLU A 8 -0.14 -14.33 4.05
C GLU A 8 -0.62 -13.64 2.78
N LYS A 9 -0.73 -12.32 2.85
CA LYS A 9 -1.18 -11.53 1.71
C LYS A 9 -0.07 -11.35 0.69
N PRO A 10 -0.27 -11.90 -0.51
CA PRO A 10 0.72 -11.81 -1.60
C PRO A 10 0.84 -10.41 -2.16
N TYR A 11 0.13 -9.46 -1.54
CA TYR A 11 0.17 -8.07 -1.98
C TYR A 11 0.41 -7.13 -0.80
N SER A 12 1.59 -6.52 -0.79
CA SER A 12 1.96 -5.61 0.29
C SER A 12 2.46 -4.28 -0.28
N CYS A 13 2.41 -3.24 0.55
CA CYS A 13 2.85 -1.91 0.12
C CYS A 13 4.31 -1.67 0.53
N ASN A 14 4.99 -0.82 -0.22
CA ASN A 14 6.39 -0.51 0.06
C ASN A 14 6.53 0.93 0.57
N GLU A 15 5.80 1.84 -0.06
CA GLU A 15 5.85 3.24 0.32
C GLU A 15 5.73 3.40 1.84
N CYS A 16 4.52 3.20 2.37
CA CYS A 16 4.28 3.31 3.79
C CYS A 16 4.21 1.93 4.44
N GLY A 17 3.98 0.90 3.63
CA GLY A 17 3.90 -0.44 4.14
C GLY A 17 2.47 -0.86 4.43
N LYS A 18 2.06 -2.00 3.88
CA LYS A 18 0.71 -2.51 4.09
C LYS A 18 0.54 -3.88 3.45
N ALA A 19 -0.63 -4.49 3.66
CA ALA A 19 -0.92 -5.79 3.09
C ALA A 19 -2.29 -5.82 2.42
N PHE A 20 -2.46 -6.74 1.48
CA PHE A 20 -3.72 -6.86 0.76
C PHE A 20 -3.86 -8.25 0.13
N THR A 21 -5.09 -8.74 0.08
CA THR A 21 -5.36 -10.05 -0.49
C THR A 21 -5.41 -10.00 -2.01
N PHE A 22 -6.03 -8.95 -2.55
CA PHE A 22 -6.14 -8.78 -3.98
C PHE A 22 -5.39 -7.53 -4.45
N LYS A 23 -5.01 -7.52 -5.71
CA LYS A 23 -4.27 -6.38 -6.28
C LYS A 23 -5.07 -5.09 -6.11
N SER A 24 -6.22 -5.02 -6.76
CA SER A 24 -7.07 -3.84 -6.68
C SER A 24 -6.98 -3.19 -5.29
N GLN A 25 -7.26 -3.98 -4.26
CA GLN A 25 -7.21 -3.50 -2.88
C GLN A 25 -5.91 -2.74 -2.63
N LEU A 26 -4.81 -3.28 -3.12
CA LEU A 26 -3.50 -2.66 -2.94
C LEU A 26 -3.37 -1.42 -3.82
N ILE A 27 -4.00 -1.45 -4.98
CA ILE A 27 -3.94 -0.33 -5.92
C ILE A 27 -4.62 0.90 -5.32
N VAL A 28 -5.74 0.69 -4.64
CA VAL A 28 -6.47 1.80 -4.02
C VAL A 28 -5.65 2.44 -2.92
N HIS A 29 -4.99 1.62 -2.12
CA HIS A 29 -4.15 2.12 -1.02
C HIS A 29 -2.87 2.75 -1.55
N LYS A 30 -2.38 2.23 -2.67
CA LYS A 30 -1.16 2.74 -3.28
C LYS A 30 -1.40 4.14 -3.87
N GLY A 31 -2.63 4.41 -4.27
CA GLY A 31 -2.96 5.70 -4.84
C GLY A 31 -2.61 6.84 -3.92
N VAL A 32 -2.68 6.60 -2.62
CA VAL A 32 -2.35 7.63 -1.63
C VAL A 32 -0.92 8.13 -1.79
N HIS A 33 -0.07 7.27 -2.36
CA HIS A 33 1.33 7.62 -2.56
C HIS A 33 1.54 8.16 -3.98
N THR A 34 0.70 7.73 -4.91
CA THR A 34 0.81 8.16 -6.30
C THR A 34 -0.04 9.40 -6.54
N GLY A 35 0.07 10.38 -5.64
CA GLY A 35 -0.68 11.60 -5.79
C GLY A 35 0.20 12.79 -6.13
N VAL A 36 0.25 13.77 -5.22
CA VAL A 36 1.07 14.96 -5.43
C VAL A 36 1.93 15.25 -4.22
N LYS A 37 2.02 14.29 -3.31
CA LYS A 37 2.81 14.45 -2.10
C LYS A 37 3.77 13.28 -1.93
N PRO A 38 4.99 13.58 -1.43
CA PRO A 38 6.03 12.56 -1.21
C PRO A 38 5.68 11.63 -0.06
N SER A 39 6.58 10.70 0.23
CA SER A 39 6.38 9.74 1.31
C SER A 39 5.86 10.43 2.56
N GLY A 40 4.87 9.82 3.21
CA GLY A 40 4.31 10.40 4.42
C GLY A 40 2.85 10.06 4.59
N PRO A 41 2.57 8.86 5.15
CA PRO A 41 1.21 8.38 5.39
C PRO A 41 0.51 9.17 6.48
N SER A 42 -0.37 10.09 6.08
CA SER A 42 -1.11 10.90 7.03
C SER A 42 -0.24 11.29 8.22
N SER A 43 1.02 11.63 7.93
CA SER A 43 1.96 12.02 8.98
C SER A 43 3.09 12.87 8.41
N GLY A 44 3.09 14.15 8.77
CA GLY A 44 4.11 15.06 8.28
C GLY A 44 3.58 16.02 7.24
N GLY A 1 -3.14 -4.37 21.57
CA GLY A 1 -3.78 -5.53 20.98
C GLY A 1 -2.82 -6.39 20.19
N SER A 2 -3.34 -7.14 19.23
CA SER A 2 -2.52 -8.02 18.41
C SER A 2 -2.84 -7.84 16.92
N SER A 3 -4.14 -7.83 16.60
CA SER A 3 -4.58 -7.67 15.23
C SER A 3 -3.76 -8.53 14.28
N GLY A 4 -3.50 -9.77 14.70
CA GLY A 4 -2.71 -10.67 13.88
C GLY A 4 -3.58 -11.63 13.08
N SER A 5 -3.80 -11.30 11.81
CA SER A 5 -4.62 -12.14 10.94
C SER A 5 -3.79 -13.26 10.31
N SER A 6 -4.18 -14.50 10.58
CA SER A 6 -3.46 -15.65 10.04
C SER A 6 -3.56 -15.68 8.52
N GLY A 7 -2.44 -16.01 7.87
CA GLY A 7 -2.41 -16.07 6.42
C GLY A 7 -1.30 -15.23 5.83
N GLU A 8 -1.29 -15.12 4.50
CA GLU A 8 -0.26 -14.35 3.81
C GLU A 8 -0.84 -13.63 2.60
N LYS A 9 -0.65 -12.31 2.55
CA LYS A 9 -1.15 -11.51 1.44
C LYS A 9 -0.08 -11.29 0.39
N PRO A 10 -0.32 -11.81 -0.82
CA PRO A 10 0.62 -11.68 -1.95
C PRO A 10 0.71 -10.26 -2.46
N TYR A 11 0.03 -9.34 -1.80
CA TYR A 11 0.04 -7.93 -2.19
C TYR A 11 0.28 -7.03 -0.98
N SER A 12 1.46 -6.41 -0.94
CA SER A 12 1.82 -5.53 0.16
C SER A 12 2.33 -4.18 -0.38
N CYS A 13 2.14 -3.13 0.42
CA CYS A 13 2.57 -1.79 0.03
C CYS A 13 4.05 -1.60 0.35
N ASN A 14 4.69 -0.68 -0.39
CA ASN A 14 6.10 -0.40 -0.18
C ASN A 14 6.29 1.00 0.39
N GLU A 15 5.57 1.97 -0.17
CA GLU A 15 5.66 3.35 0.29
C GLU A 15 5.63 3.42 1.81
N CYS A 16 4.46 3.22 2.39
CA CYS A 16 4.30 3.27 3.84
C CYS A 16 4.25 1.87 4.41
N GLY A 17 4.05 0.87 3.55
CA GLY A 17 3.99 -0.51 4.00
C GLY A 17 2.59 -0.94 4.36
N LYS A 18 2.14 -2.06 3.79
CA LYS A 18 0.80 -2.58 4.06
C LYS A 18 0.60 -3.93 3.38
N ALA A 19 -0.54 -4.55 3.64
CA ALA A 19 -0.86 -5.85 3.05
C ALA A 19 -2.24 -5.83 2.42
N PHE A 20 -2.46 -6.73 1.46
CA PHE A 20 -3.74 -6.82 0.77
C PHE A 20 -3.92 -8.20 0.15
N THR A 21 -5.14 -8.74 0.26
CA THR A 21 -5.44 -10.05 -0.29
C THR A 21 -5.60 -10.00 -1.81
N PHE A 22 -6.14 -8.87 -2.30
CA PHE A 22 -6.34 -8.69 -3.73
C PHE A 22 -5.52 -7.53 -4.25
N LYS A 23 -5.07 -7.65 -5.49
CA LYS A 23 -4.26 -6.60 -6.11
C LYS A 23 -4.99 -5.25 -6.07
N SER A 24 -6.18 -5.21 -6.65
CA SER A 24 -6.97 -3.98 -6.67
C SER A 24 -6.94 -3.29 -5.32
N GLN A 25 -7.26 -4.04 -4.27
CA GLN A 25 -7.27 -3.49 -2.92
C GLN A 25 -5.96 -2.76 -2.62
N LEU A 26 -4.87 -3.28 -3.15
CA LEU A 26 -3.55 -2.69 -2.94
C LEU A 26 -3.38 -1.43 -3.80
N ILE A 27 -3.65 -1.56 -5.09
CA ILE A 27 -3.52 -0.45 -6.02
C ILE A 27 -4.24 0.79 -5.49
N VAL A 28 -5.42 0.59 -4.91
CA VAL A 28 -6.20 1.69 -4.35
C VAL A 28 -5.45 2.35 -3.20
N HIS A 29 -4.87 1.55 -2.33
CA HIS A 29 -4.13 2.05 -1.18
C HIS A 29 -2.82 2.69 -1.62
N LYS A 30 -2.31 2.24 -2.77
CA LYS A 30 -1.06 2.77 -3.30
C LYS A 30 -1.23 4.21 -3.79
N GLY A 31 -2.43 4.51 -4.28
CA GLY A 31 -2.71 5.86 -4.76
C GLY A 31 -2.41 6.92 -3.72
N VAL A 32 -2.68 6.61 -2.46
CA VAL A 32 -2.44 7.54 -1.37
C VAL A 32 -1.04 8.14 -1.44
N HIS A 33 -0.13 7.39 -2.05
CA HIS A 33 1.26 7.84 -2.20
C HIS A 33 1.49 8.44 -3.57
N THR A 34 1.08 7.72 -4.61
CA THR A 34 1.24 8.18 -5.98
C THR A 34 1.04 9.69 -6.09
N GLY A 35 0.14 10.21 -5.26
CA GLY A 35 -0.13 11.64 -5.27
C GLY A 35 0.45 12.35 -4.07
N VAL A 36 0.13 13.64 -3.92
CA VAL A 36 0.62 14.43 -2.80
C VAL A 36 0.36 13.73 -1.47
N LYS A 37 1.33 13.82 -0.57
CA LYS A 37 1.21 13.19 0.75
C LYS A 37 1.59 14.17 1.85
N PRO A 38 0.89 14.08 3.00
CA PRO A 38 1.15 14.95 4.14
C PRO A 38 2.48 14.64 4.83
N SER A 39 3.12 15.66 5.35
CA SER A 39 4.41 15.50 6.02
C SER A 39 4.25 14.67 7.29
N GLY A 40 4.88 13.49 7.30
CA GLY A 40 4.80 12.61 8.46
C GLY A 40 6.16 12.17 8.94
N PRO A 41 6.30 12.00 10.26
CA PRO A 41 7.56 11.56 10.88
C PRO A 41 7.89 10.11 10.55
N SER A 42 8.59 9.91 9.44
CA SER A 42 8.97 8.56 9.02
C SER A 42 10.05 7.99 9.94
N SER A 43 11.06 8.80 10.23
CA SER A 43 12.15 8.38 11.09
C SER A 43 13.06 9.54 11.45
N GLY A 44 13.79 9.42 12.55
CA GLY A 44 14.68 10.47 12.98
C GLY A 44 16.06 10.36 12.35
#